data_3PKO
#
_entry.id   3PKO
#
_cell.length_a   50.097
_cell.length_b   106.705
_cell.length_c   132.604
_cell.angle_alpha   90.00
_cell.angle_beta   90.00
_cell.angle_gamma   90.00
#
_symmetry.space_group_name_H-M   'P 21 21 21'
#
loop_
_entity.id
_entity.type
_entity.pdbx_description
1 polymer 'Geranylgeranyl pyrophosphate synthase'
2 non-polymer 'CITRIC ACID'
3 non-polymer GLYCEROL
4 water water
#
_entity_poly.entity_id   1
_entity_poly.type   'polypeptide(L)'
_entity_poly.pdbx_seq_one_letter_code
;MAHHHHHHSLDRQLWRQFPQVEPQLTALQDYLLRTVQLDNQPIHHKILALLKSGGKLLRPGYFYLFSTFGNAATPAQLQA
GAAAIEILHVGTLIHDDVIDDSPTRRGVRTIQMTYGQRNAIYAGDFMFTVYFDQVLKSTTDRSLIQNHIDAMHRILQGEL
HQMDLNYREDITLDAYLNEIAGKTAELFALSCYQGAQLAGAPQSVIDRTRDIGIAIGCAYQMLDDILDYAGDPKRTQKPV
LEDLRSGVYSLPLLLSLSHAPRDFHKLLKKKQAMTLEDIKHVQALVAQYDGVGAAKQLAQDYTDRALTLIQQLPVGSAQQ
SLEQLTRLLLRRDH
;
_entity_poly.pdbx_strand_id   A,B
#
# COMPACT_ATOMS: atom_id res chain seq x y z
N ALA A 2 15.40 10.44 3.81
CA ALA A 2 15.57 10.06 2.37
C ALA A 2 17.05 9.80 2.04
N HIS A 3 17.29 9.23 0.87
CA HIS A 3 18.66 8.93 0.41
C HIS A 3 19.09 9.82 -0.76
N HIS A 4 19.78 10.92 -0.45
CA HIS A 4 20.07 11.91 -1.46
C HIS A 4 21.33 11.61 -2.28
N HIS A 5 22.20 10.73 -1.79
CA HIS A 5 23.50 10.62 -2.45
C HIS A 5 23.78 9.25 -3.07
N HIS A 6 24.36 9.27 -4.27
CA HIS A 6 24.71 8.04 -4.99
C HIS A 6 26.22 7.79 -4.91
N HIS A 7 26.63 6.56 -4.76
CA HIS A 7 28.03 6.22 -4.64
C HIS A 7 28.56 5.75 -5.98
N HIS A 8 29.61 6.41 -6.45
CA HIS A 8 30.21 6.03 -7.73
C HIS A 8 30.78 4.60 -7.69
N SER A 9 31.65 4.34 -6.72
CA SER A 9 32.24 3.01 -6.56
C SER A 9 31.20 1.90 -6.71
N LEU A 10 29.94 2.25 -6.47
CA LEU A 10 28.82 1.32 -6.60
C LEU A 10 28.16 1.40 -7.98
N ARG A 12 25.58 -0.63 -9.90
CA ARG A 12 25.26 -1.98 -10.30
C ARG A 12 26.52 -2.66 -10.79
N GLN A 13 27.35 -1.86 -11.43
CA GLN A 13 28.57 -2.36 -11.99
C GLN A 13 29.34 -2.83 -10.79
N LEU A 14 28.84 -2.47 -9.62
CA LEU A 14 29.49 -2.86 -8.41
C LEU A 14 29.52 -4.36 -8.38
N TRP A 15 28.51 -5.06 -8.86
CA TRP A 15 28.49 -6.54 -8.78
C TRP A 15 29.58 -7.33 -9.51
N ARG A 16 30.33 -6.69 -10.37
CA ARG A 16 31.43 -7.37 -11.05
C ARG A 16 32.44 -7.89 -10.05
N GLN A 17 32.65 -7.18 -8.98
CA GLN A 17 33.60 -7.57 -7.94
C GLN A 17 33.11 -8.75 -7.09
N PHE A 18 31.92 -9.26 -7.41
CA PHE A 18 31.27 -10.31 -6.63
C PHE A 18 30.72 -11.36 -7.58
N PRO A 19 31.62 -12.16 -8.22
CA PRO A 19 31.29 -13.11 -9.30
C PRO A 19 30.38 -14.24 -8.85
N GLN A 20 30.41 -14.59 -7.58
CA GLN A 20 29.56 -15.69 -7.11
C GLN A 20 28.08 -15.31 -6.92
N VAL A 21 27.78 -14.02 -6.92
CA VAL A 21 26.38 -13.60 -6.79
C VAL A 21 25.94 -12.71 -7.93
N GLU A 22 26.84 -12.43 -8.88
CA GLU A 22 26.45 -11.58 -10.02
C GLU A 22 25.45 -12.25 -10.96
N PRO A 23 25.57 -13.58 -11.14
CA PRO A 23 24.63 -14.36 -11.95
C PRO A 23 23.23 -14.38 -11.34
N GLN A 24 23.16 -14.71 -10.06
CA GLN A 24 21.91 -14.66 -9.32
C GLN A 24 21.23 -13.30 -9.43
N LEU A 25 21.96 -12.23 -9.18
CA LEU A 25 21.43 -10.88 -9.36
C LEU A 25 21.07 -10.52 -10.81
N THR A 26 21.85 -11.00 -11.77
CA THR A 26 21.53 -10.77 -13.18
C THR A 26 20.25 -11.53 -13.55
N ALA A 27 20.15 -12.76 -13.09
CA ALA A 27 18.98 -13.60 -13.31
C ALA A 27 17.76 -13.08 -12.53
N LEU A 28 18.01 -12.57 -11.33
CA LEU A 28 16.90 -12.04 -10.55
C LEU A 28 16.30 -10.88 -11.33
N GLN A 29 17.15 -10.08 -11.94
CA GLN A 29 16.67 -8.96 -12.71
C GLN A 29 15.66 -9.43 -13.76
N ASP A 30 15.93 -10.57 -14.39
CA ASP A 30 15.01 -11.02 -15.43
C ASP A 30 13.72 -11.54 -14.82
N TYR A 31 13.86 -12.36 -13.77
CA TYR A 31 12.73 -12.85 -13.01
C TYR A 31 11.87 -11.68 -12.57
N LEU A 32 12.51 -10.61 -12.07
CA LEU A 32 11.78 -9.43 -11.63
C LEU A 32 10.91 -8.88 -12.75
N LEU A 33 11.44 -8.84 -13.96
CA LEU A 33 10.69 -8.31 -15.09
C LEU A 33 9.42 -9.10 -15.40
N ARG A 34 9.36 -10.36 -14.97
CA ARG A 34 8.20 -11.22 -15.26
C ARG A 34 7.20 -11.34 -14.09
N THR A 35 7.56 -10.82 -12.92
CA THR A 35 6.65 -10.89 -11.79
C THR A 35 5.54 -9.86 -11.95
N VAL A 36 5.82 -8.80 -12.69
CA VAL A 36 4.89 -7.69 -12.78
C VAL A 36 3.95 -7.84 -13.98
N GLN A 37 2.86 -8.57 -13.83
CA GLN A 37 1.91 -8.66 -14.94
C GLN A 37 0.64 -7.82 -14.73
N LEU A 38 0.57 -6.76 -15.50
CA LEU A 38 -0.39 -5.71 -15.34
C LEU A 38 -1.02 -5.38 -16.70
N ASP A 39 -2.35 -5.26 -16.73
CA ASP A 39 -3.11 -5.02 -17.97
C ASP A 39 -2.88 -3.66 -18.59
N ASN A 40 -2.70 -2.63 -17.77
CA ASN A 40 -2.53 -1.32 -18.35
C ASN A 40 -1.11 -1.25 -18.90
N GLN A 41 -1.01 -1.47 -20.21
CA GLN A 41 0.31 -1.71 -20.80
C GLN A 41 1.26 -0.50 -20.66
N PRO A 42 0.73 0.74 -20.79
CA PRO A 42 1.54 1.95 -20.56
C PRO A 42 2.13 2.00 -19.16
N ILE A 43 1.36 1.65 -18.15
CA ILE A 43 1.93 1.69 -16.80
C ILE A 43 2.83 0.48 -16.55
N HIS A 44 2.45 -0.68 -17.10
CA HIS A 44 3.29 -1.86 -17.00
C HIS A 44 4.68 -1.59 -17.56
N HIS A 45 4.73 -0.85 -18.68
CA HIS A 45 5.99 -0.56 -19.35
C HIS A 45 6.83 0.40 -18.51
N LYS A 46 6.18 1.39 -17.91
CA LYS A 46 6.85 2.31 -17.00
C LYS A 46 7.49 1.60 -15.78
N ILE A 47 6.78 0.63 -15.18
CA ILE A 47 7.33 -0.09 -14.04
C ILE A 47 8.53 -0.91 -14.48
N LEU A 48 8.38 -1.58 -15.63
CA LEU A 48 9.49 -2.35 -16.22
C LEU A 48 10.72 -1.48 -16.42
N ALA A 49 10.48 -0.24 -16.82
CA ALA A 49 11.50 0.73 -17.06
C ALA A 49 12.19 1.12 -15.77
N LEU A 50 11.42 1.20 -14.68
CA LEU A 50 12.03 1.45 -13.36
C LEU A 50 12.89 0.27 -12.94
N LEU A 51 12.39 -0.93 -13.19
CA LEU A 51 13.15 -2.12 -12.87
C LEU A 51 14.40 -2.25 -13.76
N LYS A 52 14.22 -2.09 -15.06
CA LYS A 52 15.32 -2.13 -16.04
C LYS A 52 16.44 -1.14 -15.71
N SER A 53 16.07 0.12 -15.54
CA SER A 53 17.06 1.18 -15.40
C SER A 53 17.85 1.15 -14.10
N GLY A 54 17.31 0.55 -13.06
CA GLY A 54 18.01 0.54 -11.81
C GLY A 54 18.40 -0.84 -11.38
N GLY A 55 19.68 -1.12 -11.41
CA GLY A 55 20.18 -2.39 -10.98
C GLY A 55 20.66 -2.07 -9.60
N LYS A 56 21.77 -2.66 -9.24
CA LYS A 56 22.29 -2.54 -7.91
C LYS A 56 21.68 -3.62 -7.08
N LEU A 57 20.39 -3.58 -6.80
CA LEU A 57 19.79 -4.72 -6.11
C LEU A 57 20.58 -5.00 -4.81
N LEU A 58 20.89 -3.95 -4.08
CA LEU A 58 21.68 -4.05 -2.87
C LEU A 58 21.08 -5.00 -1.85
N ARG A 59 19.78 -4.88 -1.67
CA ARG A 59 19.11 -5.67 -0.66
C ARG A 59 19.01 -7.13 -1.08
N PRO A 60 18.61 -7.38 -2.33
CA PRO A 60 18.74 -8.79 -2.79
C PRO A 60 20.19 -9.32 -2.74
N GLY A 61 21.20 -8.47 -2.93
CA GLY A 61 22.58 -8.94 -2.77
C GLY A 61 22.88 -9.51 -1.41
N TYR A 62 22.55 -8.73 -0.36
CA TYR A 62 22.75 -9.19 1.01
C TYR A 62 21.92 -10.43 1.25
N PHE A 63 20.71 -10.47 0.68
CA PHE A 63 19.85 -11.68 0.79
C PHE A 63 20.55 -12.91 0.19
N TYR A 64 21.05 -12.79 -1.03
CA TYR A 64 21.70 -13.95 -1.66
C TYR A 64 22.99 -14.33 -0.95
N LEU A 65 23.75 -13.35 -0.50
CA LEU A 65 24.97 -13.68 0.23
C LEU A 65 24.61 -14.48 1.45
N PHE A 66 23.61 -14.02 2.20
CA PHE A 66 23.22 -14.76 3.40
C PHE A 66 22.65 -16.14 3.09
N SER A 67 22.06 -16.31 1.92
CA SER A 67 21.54 -17.64 1.58
C SER A 67 22.65 -18.72 1.49
N THR A 68 23.91 -18.30 1.31
CA THR A 68 25.01 -19.28 1.13
C THR A 68 25.35 -20.06 2.39
N PHE A 69 24.92 -19.59 3.54
CA PHE A 69 25.27 -20.25 4.79
C PHE A 69 24.44 -21.49 5.10
N GLY A 70 23.62 -21.91 4.13
CA GLY A 70 22.72 -23.06 4.35
C GLY A 70 22.38 -23.66 3.01
N ASN A 71 21.88 -24.89 3.02
CA ASN A 71 21.58 -25.58 1.77
C ASN A 71 20.13 -26.00 1.60
N ALA A 72 19.32 -25.69 2.62
CA ALA A 72 17.91 -26.10 2.65
C ALA A 72 16.98 -25.40 1.64
N ALA A 73 17.48 -24.42 0.89
CA ALA A 73 16.57 -23.61 0.07
C ALA A 73 16.54 -24.04 -1.39
N THR A 74 15.35 -24.11 -1.98
CA THR A 74 15.25 -24.30 -3.43
C THR A 74 15.59 -23.00 -4.13
N PRO A 75 16.05 -23.08 -5.38
CA PRO A 75 16.35 -21.81 -6.03
C PRO A 75 15.11 -21.01 -6.37
N ALA A 76 13.97 -21.71 -6.45
CA ALA A 76 12.70 -21.02 -6.73
C ALA A 76 12.30 -20.18 -5.52
N GLN A 77 12.45 -20.76 -4.32
CA GLN A 77 12.26 -20.02 -3.10
C GLN A 77 13.14 -18.75 -3.05
N LEU A 78 14.44 -18.88 -3.29
CA LEU A 78 15.36 -17.74 -3.18
C LEU A 78 15.07 -16.63 -4.17
N GLN A 79 14.73 -17.00 -5.39
CA GLN A 79 14.43 -15.97 -6.34
C GLN A 79 13.14 -15.25 -5.90
N ALA A 80 12.19 -15.98 -5.33
CA ALA A 80 10.95 -15.33 -4.91
C ALA A 80 11.20 -14.45 -3.68
N GLY A 81 11.99 -14.96 -2.74
CA GLY A 81 12.39 -14.18 -1.56
C GLY A 81 13.15 -12.89 -1.87
N ALA A 82 14.10 -12.96 -2.79
CA ALA A 82 14.85 -11.78 -3.20
C ALA A 82 13.98 -10.79 -3.98
N ALA A 83 13.08 -11.32 -4.78
CA ALA A 83 12.24 -10.47 -5.62
C ALA A 83 11.24 -9.72 -4.72
N ALA A 84 10.68 -10.43 -3.75
CA ALA A 84 9.78 -9.81 -2.78
C ALA A 84 10.39 -8.55 -2.18
N ILE A 85 11.58 -8.67 -1.64
CA ILE A 85 12.28 -7.55 -1.03
C ILE A 85 12.42 -6.39 -1.99
N GLU A 86 12.84 -6.66 -3.23
CA GLU A 86 13.07 -5.58 -4.17
C GLU A 86 11.74 -4.94 -4.64
N ILE A 87 10.72 -5.76 -4.79
CA ILE A 87 9.42 -5.23 -5.24
C ILE A 87 8.83 -4.33 -4.19
N LEU A 88 8.96 -4.75 -2.92
CA LEU A 88 8.49 -3.89 -1.83
C LEU A 88 9.25 -2.58 -1.88
N HIS A 89 10.56 -2.68 -2.01
CA HIS A 89 11.38 -1.50 -2.09
C HIS A 89 10.88 -0.57 -3.20
N VAL A 90 10.68 -1.09 -4.40
CA VAL A 90 10.26 -0.24 -5.50
C VAL A 90 8.85 0.34 -5.30
N GLY A 91 7.93 -0.47 -4.79
CA GLY A 91 6.63 0.07 -4.41
C GLY A 91 6.76 1.27 -3.48
N THR A 92 7.67 1.22 -2.51
CA THR A 92 7.77 2.32 -1.57
C THR A 92 8.43 3.56 -2.19
N LEU A 93 9.35 3.32 -3.13
CA LEU A 93 9.93 4.42 -3.95
C LEU A 93 8.88 5.17 -4.81
N ILE A 94 8.00 4.42 -5.45
CA ILE A 94 6.91 5.00 -6.25
C ILE A 94 6.07 5.90 -5.37
N HIS A 95 5.71 5.41 -4.19
CA HIS A 95 4.96 6.27 -3.26
C HIS A 95 5.82 7.41 -2.76
N ASP A 96 7.09 7.18 -2.42
CA ASP A 96 7.92 8.30 -1.97
C ASP A 96 7.92 9.42 -3.04
N ASP A 97 8.01 9.03 -4.30
CA ASP A 97 8.16 10.04 -5.36
C ASP A 97 6.90 10.85 -5.54
N VAL A 98 5.75 10.21 -5.36
CA VAL A 98 4.52 10.97 -5.35
C VAL A 98 4.55 11.99 -4.23
N ILE A 99 4.93 11.55 -3.04
CA ILE A 99 4.90 12.42 -1.86
C ILE A 99 5.89 13.58 -1.94
N ASP A 100 7.03 13.34 -2.60
CA ASP A 100 8.08 14.35 -2.81
C ASP A 100 7.86 15.08 -4.12
N ASP A 101 6.91 14.60 -4.91
CA ASP A 101 6.78 15.02 -6.29
C ASP A 101 8.13 15.11 -6.99
N SER A 102 8.94 14.06 -6.86
CA SER A 102 10.19 13.94 -7.60
C SER A 102 9.91 13.68 -9.08
N PRO A 103 10.66 14.37 -9.96
CA PRO A 103 10.44 14.32 -11.40
C PRO A 103 10.95 13.06 -12.05
N THR A 104 11.95 12.43 -11.45
CA THR A 104 12.65 11.37 -12.12
C THR A 104 13.09 10.36 -11.08
N ARG A 105 13.28 9.11 -11.48
CA ARG A 105 13.78 8.12 -10.54
C ARG A 105 14.61 7.13 -11.31
N ARG A 106 15.85 6.92 -10.90
CA ARG A 106 16.71 6.06 -11.66
C ARG A 106 16.81 6.57 -13.11
N GLY A 107 16.81 7.89 -13.29
CA GLY A 107 16.84 8.49 -14.63
C GLY A 107 15.58 8.32 -15.46
N VAL A 108 14.56 7.68 -14.90
CA VAL A 108 13.26 7.50 -15.58
C VAL A 108 12.25 8.54 -15.08
N ARG A 109 11.40 9.04 -15.98
CA ARG A 109 10.41 10.00 -15.55
C ARG A 109 9.47 9.22 -14.61
N THR A 110 9.09 9.82 -13.48
CA THR A 110 8.27 9.11 -12.49
C THR A 110 6.85 8.92 -13.02
N ILE A 111 6.16 7.94 -12.44
CA ILE A 111 4.80 7.63 -12.86
C ILE A 111 3.85 8.84 -12.77
N GLN A 112 3.92 9.60 -11.69
CA GLN A 112 2.92 10.66 -11.51
C GLN A 112 3.09 11.80 -12.50
N MET A 113 4.28 11.89 -13.12
CA MET A 113 4.53 12.98 -14.08
C MET A 113 3.76 12.72 -15.37
N THR A 114 3.93 11.53 -15.93
CA THR A 114 3.28 11.21 -17.20
C THR A 114 1.82 10.77 -17.04
N TYR A 115 1.49 10.16 -15.90
CA TYR A 115 0.18 9.50 -15.75
C TYR A 115 -0.69 9.98 -14.59
N GLY A 116 -0.18 10.90 -13.79
CA GLY A 116 -0.98 11.47 -12.71
C GLY A 116 -0.80 10.76 -11.39
N GLN A 117 -1.11 11.48 -10.31
CA GLN A 117 -0.90 10.99 -8.95
C GLN A 117 -1.70 9.74 -8.59
N ARG A 118 -2.95 9.68 -9.02
CA ARG A 118 -3.79 8.53 -8.72
C ARG A 118 -3.17 7.26 -9.28
N ASN A 119 -2.79 7.28 -10.56
CA ASN A 119 -2.21 6.09 -11.17
C ASN A 119 -0.89 5.71 -10.50
N ALA A 120 -0.13 6.71 -10.10
CA ALA A 120 1.14 6.46 -9.43
C ALA A 120 0.88 5.77 -8.10
N ILE A 121 -0.10 6.28 -7.35
CA ILE A 121 -0.42 5.65 -6.07
C ILE A 121 -0.92 4.23 -6.27
N TYR A 122 -1.80 4.02 -7.23
CA TYR A 122 -2.30 2.67 -7.47
C TYR A 122 -1.18 1.73 -7.99
N ALA A 123 -0.20 2.27 -8.70
CA ALA A 123 0.92 1.48 -9.16
C ALA A 123 1.72 0.97 -7.96
N GLY A 124 1.97 1.84 -7.00
CA GLY A 124 2.60 1.36 -5.76
C GLY A 124 1.79 0.25 -5.08
N ASP A 125 0.48 0.43 -5.02
CA ASP A 125 -0.42 -0.49 -4.31
C ASP A 125 -0.36 -1.85 -4.99
N PHE A 126 -0.35 -1.82 -6.31
CA PHE A 126 -0.25 -3.05 -7.10
C PHE A 126 1.06 -3.77 -6.83
N MET A 127 2.15 -3.02 -6.67
CA MET A 127 3.40 -3.66 -6.33
C MET A 127 3.30 -4.36 -4.95
N PHE A 128 2.50 -3.81 -4.03
CA PHE A 128 2.31 -4.50 -2.74
C PHE A 128 1.67 -5.88 -2.93
N THR A 129 0.71 -6.00 -3.87
CA THR A 129 0.12 -7.33 -4.15
C THR A 129 1.12 -8.26 -4.77
N VAL A 130 1.94 -7.76 -5.69
CA VAL A 130 3.02 -8.57 -6.27
C VAL A 130 3.96 -9.00 -5.16
N TYR A 131 4.30 -8.06 -4.28
CA TYR A 131 5.17 -8.41 -3.15
C TYR A 131 4.66 -9.58 -2.32
N PHE A 132 3.42 -9.51 -1.90
CA PHE A 132 2.90 -10.54 -1.01
C PHE A 132 2.77 -11.86 -1.75
N ASP A 133 2.44 -11.79 -3.04
CA ASP A 133 2.43 -12.98 -3.88
C ASP A 133 3.83 -13.66 -3.89
N GLN A 134 4.89 -12.87 -4.08
CA GLN A 134 6.28 -13.41 -4.05
C GLN A 134 6.61 -13.91 -2.67
N VAL A 135 6.20 -13.18 -1.63
CA VAL A 135 6.46 -13.71 -0.30
C VAL A 135 5.93 -15.14 -0.16
N LEU A 136 4.69 -15.38 -0.58
CA LEU A 136 4.06 -16.70 -0.43
C LEU A 136 4.79 -17.77 -1.23
N LYS A 137 5.23 -17.41 -2.42
CA LYS A 137 6.00 -18.31 -3.25
C LYS A 137 7.29 -18.73 -2.55
N SER A 138 7.83 -17.86 -1.71
CA SER A 138 9.16 -18.08 -1.18
C SER A 138 9.19 -19.09 -0.06
N THR A 139 8.04 -19.34 0.57
CA THR A 139 8.04 -20.11 1.80
C THR A 139 6.64 -20.52 2.23
N THR A 140 6.54 -21.64 2.96
CA THR A 140 5.30 -22.02 3.62
C THR A 140 5.46 -21.88 5.13
N ASP A 141 6.60 -21.32 5.53
CA ASP A 141 6.86 -21.12 6.94
C ASP A 141 6.13 -19.87 7.45
N ARG A 142 5.14 -20.09 8.31
CA ARG A 142 4.25 -19.03 8.75
C ARG A 142 5.02 -17.94 9.49
N SER A 143 6.04 -18.31 10.29
CA SER A 143 6.81 -17.30 11.02
C SER A 143 7.58 -16.39 10.06
N LEU A 144 8.03 -16.94 8.94
CA LEU A 144 8.79 -16.14 7.98
C LEU A 144 7.89 -15.22 7.20
N ILE A 145 6.63 -15.61 6.98
CA ILE A 145 5.65 -14.72 6.33
C ILE A 145 5.28 -13.55 7.27
N GLN A 146 5.02 -13.89 8.53
CA GLN A 146 4.76 -12.89 9.57
C GLN A 146 5.97 -11.95 9.73
N ASN A 147 7.16 -12.49 9.55
CA ASN A 147 8.33 -11.66 9.68
C ASN A 147 8.32 -10.61 8.57
N HIS A 148 8.02 -11.02 7.34
CA HIS A 148 7.81 -10.08 6.27
C HIS A 148 6.76 -9.01 6.57
N ILE A 149 5.60 -9.45 7.08
CA ILE A 149 4.51 -8.51 7.33
C ILE A 149 4.92 -7.51 8.39
N ASP A 150 5.57 -8.02 9.44
CA ASP A 150 6.05 -7.17 10.54
C ASP A 150 7.06 -6.16 10.04
N ALA A 151 7.90 -6.57 9.10
CA ALA A 151 8.88 -5.63 8.54
C ALA A 151 8.19 -4.52 7.77
N MET A 152 7.19 -4.91 6.97
CA MET A 152 6.48 -3.97 6.11
C MET A 152 5.80 -2.93 7.02
N HIS A 153 5.29 -3.44 8.13
CA HIS A 153 4.69 -2.62 9.16
C HIS A 153 5.71 -1.63 9.81
N ARG A 154 6.88 -2.12 10.23
CA ARG A 154 7.87 -1.23 10.82
C ARG A 154 8.36 -0.13 9.87
N ILE A 155 8.48 -0.44 8.59
CA ILE A 155 8.87 0.58 7.60
C ILE A 155 7.80 1.69 7.57
N LEU A 156 6.55 1.32 7.49
CA LEU A 156 5.48 2.31 7.38
CA LEU A 156 5.51 2.33 7.37
C LEU A 156 5.42 3.16 8.65
N GLN A 157 5.59 2.51 9.80
CA GLN A 157 5.70 3.24 11.05
C GLN A 157 6.93 4.17 11.05
N GLY A 158 8.03 3.72 10.44
CA GLY A 158 9.21 4.53 10.33
C GLY A 158 8.89 5.82 9.62
N GLU A 159 8.19 5.69 8.50
CA GLU A 159 7.79 6.86 7.72
C GLU A 159 6.81 7.74 8.49
N LEU A 160 5.83 7.16 9.18
CA LEU A 160 4.88 7.99 9.94
C LEU A 160 5.52 8.73 11.12
N HIS A 161 6.44 8.07 11.83
CA HIS A 161 7.09 8.72 12.96
C HIS A 161 8.06 9.84 12.50
N GLN A 162 8.68 9.66 11.34
CA GLN A 162 9.55 10.70 10.78
C GLN A 162 8.71 11.93 10.51
N MET A 163 7.48 11.69 10.07
CA MET A 163 6.53 12.76 9.80
C MET A 163 6.09 13.47 11.08
N ASP A 164 5.76 12.70 12.12
CA ASP A 164 5.41 13.31 13.42
C ASP A 164 6.55 14.16 13.93
N LEU A 165 7.76 13.87 13.48
CA LEU A 165 8.95 14.48 14.05
C LEU A 165 9.32 15.77 13.33
N ASN A 166 8.66 16.05 12.20
CA ASN A 166 9.01 17.26 11.44
C ASN A 166 8.96 18.47 12.36
N TYR A 167 9.98 19.32 12.25
CA TYR A 167 10.02 20.59 12.98
C TYR A 167 10.27 20.44 14.47
N ARG A 168 10.42 19.22 14.98
CA ARG A 168 10.68 19.06 16.44
C ARG A 168 12.14 19.34 16.72
N GLU A 169 12.40 20.40 17.47
CA GLU A 169 13.78 20.69 17.83
C GLU A 169 14.23 19.97 19.09
N ASP A 170 13.35 19.12 19.65
CA ASP A 170 13.70 18.30 20.79
C ASP A 170 13.87 16.85 20.32
N ILE A 171 14.16 16.64 19.04
CA ILE A 171 14.37 15.30 18.51
C ILE A 171 15.59 14.65 19.20
N THR A 172 15.43 13.43 19.69
CA THR A 172 16.52 12.75 20.46
C THR A 172 17.31 11.77 19.57
N LEU A 173 18.51 11.37 20.01
CA LEU A 173 19.24 10.36 19.25
C LEU A 173 18.44 9.05 19.27
N ASP A 174 17.76 8.78 20.38
CA ASP A 174 16.90 7.58 20.45
C ASP A 174 15.82 7.64 19.35
N ALA A 175 15.14 8.79 19.23
CA ALA A 175 14.06 8.95 18.23
C ALA A 175 14.61 8.84 16.79
N TYR A 176 15.79 9.43 16.55
CA TYR A 176 16.49 9.24 15.27
C TYR A 176 16.82 7.77 14.94
N LEU A 177 17.40 7.04 15.89
CA LEU A 177 17.69 5.64 15.66
C LEU A 177 16.42 4.82 15.38
N ASN A 178 15.36 5.09 16.14
N ASN A 178 15.37 5.13 16.14
CA ASN A 178 14.14 4.28 16.00
CA ASN A 178 14.12 4.37 16.05
C ASN A 178 13.48 4.54 14.63
C ASN A 178 13.39 4.67 14.73
N GLU A 179 13.80 5.69 14.06
N GLU A 179 13.27 5.95 14.43
CA GLU A 179 13.26 6.13 12.77
CA GLU A 179 12.42 6.37 13.33
C GLU A 179 14.01 5.53 11.58
C GLU A 179 13.08 6.17 11.96
N ILE A 180 15.29 5.88 11.46
N ILE A 180 14.41 6.05 11.91
CA ILE A 180 16.21 5.33 10.46
CA ILE A 180 15.13 5.57 10.69
C ILE A 180 16.43 3.82 10.64
C ILE A 180 15.36 4.03 10.67
N ALA A 181 15.99 3.29 11.77
N ALA A 181 15.86 3.46 11.76
CA ALA A 181 15.89 1.84 11.91
CA ALA A 181 15.94 2.01 11.81
C ALA A 181 14.71 1.37 11.07
C ALA A 181 14.76 1.43 11.04
N GLY A 182 13.63 2.13 11.09
CA GLY A 182 12.41 1.66 10.49
C GLY A 182 12.47 2.02 9.03
N LYS A 183 12.76 3.28 8.76
CA LYS A 183 12.62 3.75 7.40
C LYS A 183 13.73 3.16 6.52
N THR A 184 14.89 2.87 7.12
CA THR A 184 16.02 2.46 6.26
C THR A 184 16.59 1.08 6.58
N ALA A 185 16.89 0.85 7.86
CA ALA A 185 17.61 -0.34 8.23
C ALA A 185 16.74 -1.58 8.11
N GLU A 186 15.42 -1.45 8.28
CA GLU A 186 14.58 -2.65 8.40
C GLU A 186 14.66 -3.52 7.12
N LEU A 187 14.70 -2.91 5.94
CA LEU A 187 14.75 -3.76 4.77
C LEU A 187 16.10 -4.51 4.68
N PHE A 188 17.18 -3.91 5.18
CA PHE A 188 18.45 -4.66 5.23
C PHE A 188 18.34 -5.82 6.19
N ALA A 189 17.76 -5.59 7.36
CA ALA A 189 17.60 -6.69 8.33
C ALA A 189 16.77 -7.83 7.76
N LEU A 190 15.66 -7.46 7.14
CA LEU A 190 14.77 -8.42 6.51
C LEU A 190 15.53 -9.25 5.46
N SER A 191 16.34 -8.58 4.63
CA SER A 191 17.09 -9.28 3.57
C SER A 191 18.05 -10.32 4.13
N CYS A 192 18.80 -9.94 5.18
CA CYS A 192 19.77 -10.82 5.77
C CYS A 192 19.08 -11.99 6.45
N TYR A 193 18.05 -11.71 7.23
CA TYR A 193 17.34 -12.75 7.97
C TYR A 193 16.61 -13.75 7.08
N GLN A 194 15.86 -13.26 6.11
CA GLN A 194 15.19 -14.16 5.16
C GLN A 194 16.17 -15.01 4.31
N GLY A 195 17.22 -14.41 3.78
CA GLY A 195 18.22 -15.21 3.01
C GLY A 195 18.73 -16.41 3.82
N ALA A 196 19.18 -16.12 5.04
CA ALA A 196 19.69 -17.15 5.94
C ALA A 196 18.64 -18.17 6.42
N GLN A 197 17.47 -17.68 6.83
CA GLN A 197 16.39 -18.57 7.28
C GLN A 197 15.94 -19.51 6.17
N LEU A 198 15.69 -18.95 4.99
CA LEU A 198 15.20 -19.71 3.87
C LEU A 198 16.17 -20.85 3.51
N ALA A 199 17.42 -20.71 3.90
CA ALA A 199 18.44 -21.67 3.53
C ALA A 199 18.74 -22.60 4.70
N GLY A 200 18.07 -22.36 5.82
CA GLY A 200 18.30 -23.12 7.03
C GLY A 200 19.76 -23.07 7.46
N ALA A 201 20.34 -21.88 7.48
CA ALA A 201 21.70 -21.72 7.99
C ALA A 201 21.75 -21.98 9.48
N PRO A 202 22.95 -22.15 10.03
CA PRO A 202 23.03 -22.51 11.44
C PRO A 202 22.50 -21.39 12.31
N GLN A 203 21.96 -21.76 13.46
CA GLN A 203 21.52 -20.80 14.46
C GLN A 203 22.51 -19.66 14.64
N SER A 204 23.80 -19.97 14.83
CA SER A 204 24.76 -18.90 15.05
C SER A 204 24.64 -17.80 13.99
N VAL A 205 24.34 -18.19 12.76
CA VAL A 205 24.25 -17.21 11.67
C VAL A 205 22.94 -16.44 11.78
N ILE A 206 21.84 -17.19 11.90
CA ILE A 206 20.50 -16.63 12.03
C ILE A 206 20.47 -15.55 13.07
N ASP A 207 21.05 -15.86 14.24
CA ASP A 207 20.98 -14.96 15.39
C ASP A 207 21.77 -13.68 15.18
N ARG A 208 22.58 -13.63 14.14
CA ARG A 208 23.38 -12.41 13.84
C ARG A 208 22.83 -11.57 12.68
N THR A 209 21.94 -12.16 11.88
CA THR A 209 21.54 -11.52 10.62
C THR A 209 20.86 -10.18 10.86
N ARG A 210 19.91 -10.17 11.81
CA ARG A 210 19.15 -8.96 12.06
C ARG A 210 20.06 -7.85 12.60
N ASP A 211 20.91 -8.16 13.58
CA ASP A 211 21.85 -7.15 14.09
C ASP A 211 22.80 -6.62 13.01
N ILE A 212 23.18 -7.48 12.08
CA ILE A 212 24.04 -7.06 10.99
C ILE A 212 23.30 -6.08 10.07
N GLY A 213 22.11 -6.49 9.62
CA GLY A 213 21.29 -5.69 8.72
C GLY A 213 20.93 -4.36 9.33
N ILE A 214 20.58 -4.38 10.62
CA ILE A 214 20.22 -3.13 11.33
C ILE A 214 21.43 -2.21 11.41
N ALA A 215 22.57 -2.74 11.85
CA ALA A 215 23.79 -1.94 11.93
C ALA A 215 24.17 -1.33 10.58
N ILE A 216 24.16 -2.14 9.53
CA ILE A 216 24.48 -1.65 8.18
C ILE A 216 23.51 -0.57 7.74
N GLY A 217 22.23 -0.85 7.90
CA GLY A 217 21.21 0.05 7.43
C GLY A 217 21.25 1.37 8.17
N CYS A 218 21.54 1.34 9.48
CA CYS A 218 21.71 2.57 10.23
C CYS A 218 22.90 3.40 9.73
N ALA A 219 24.07 2.75 9.59
CA ALA A 219 25.29 3.43 9.14
C ALA A 219 25.03 4.02 7.76
N TYR A 220 24.36 3.25 6.92
CA TYR A 220 24.04 3.69 5.56
C TYR A 220 23.20 4.97 5.54
N GLN A 221 22.12 5.03 6.33
CA GLN A 221 21.36 6.26 6.50
C GLN A 221 22.22 7.39 7.06
N MET A 222 23.04 7.11 8.09
CA MET A 222 23.91 8.16 8.66
C MET A 222 24.89 8.75 7.63
N LEU A 223 25.50 7.91 6.80
CA LEU A 223 26.42 8.40 5.77
C LEU A 223 25.74 9.38 4.79
N ASP A 224 24.48 9.10 4.46
CA ASP A 224 23.75 9.99 3.59
C ASP A 224 23.52 11.33 4.29
N ASP A 225 23.11 11.28 5.57
CA ASP A 225 22.94 12.50 6.38
C ASP A 225 24.25 13.30 6.48
N ILE A 226 25.35 12.60 6.66
CA ILE A 226 26.63 13.26 6.77
C ILE A 226 26.92 14.02 5.48
N LEU A 227 26.56 13.40 4.35
CA LEU A 227 26.81 14.03 3.06
C LEU A 227 25.95 15.25 2.88
N ASP A 228 24.82 15.33 3.57
CA ASP A 228 24.00 16.52 3.50
C ASP A 228 24.71 17.82 3.95
N TYR A 229 25.63 17.72 4.93
CA TYR A 229 26.24 18.89 5.61
C TYR A 229 27.74 18.97 5.42
N ALA A 230 28.30 18.02 4.68
CA ALA A 230 29.74 17.94 4.51
C ALA A 230 30.26 19.00 3.52
N GLY A 231 31.55 19.32 3.60
CA GLY A 231 32.12 20.31 2.68
C GLY A 231 31.79 21.73 3.08
N ASP A 232 31.62 22.61 2.10
CA ASP A 232 31.56 24.05 2.36
C ASP A 232 30.19 24.58 2.75
N PRO A 233 30.06 25.03 4.01
CA PRO A 233 28.83 25.59 4.61
C PRO A 233 28.24 26.78 3.87
N LYS A 234 29.04 27.46 3.06
CA LYS A 234 28.51 28.52 2.19
C LYS A 234 27.75 27.86 1.03
N ARG A 235 28.25 26.72 0.56
CA ARG A 235 27.60 25.95 -0.50
C ARG A 235 26.26 25.38 -0.01
N THR A 236 25.42 25.01 -0.97
CA THR A 236 24.07 24.56 -0.67
C THR A 236 23.69 23.38 -1.56
N GLN A 237 22.79 22.54 -1.07
CA GLN A 237 22.26 21.44 -1.86
C GLN A 237 20.75 21.56 -1.83
N LYS A 238 20.11 21.42 -2.99
CA LYS A 238 18.66 21.54 -3.05
C LYS A 238 17.90 20.62 -2.09
N PRO A 239 18.20 19.31 -2.10
CA PRO A 239 17.50 18.39 -1.20
C PRO A 239 17.61 18.85 0.27
N VAL A 240 18.78 19.31 0.67
CA VAL A 240 19.02 19.76 2.05
C VAL A 240 18.22 21.02 2.36
N LEU A 241 18.24 21.94 1.42
CA LEU A 241 17.39 23.12 1.51
C LEU A 241 15.92 22.76 1.64
N GLU A 242 15.46 21.77 0.89
CA GLU A 242 14.06 21.36 1.01
C GLU A 242 13.78 20.65 2.36
N ASP A 243 14.73 19.84 2.82
CA ASP A 243 14.59 19.17 4.11
C ASP A 243 14.38 20.16 5.26
N LEU A 244 15.24 21.17 5.34
CA LEU A 244 15.18 22.14 6.44
C LEU A 244 13.87 22.93 6.47
N ARG A 245 13.39 23.35 5.29
CA ARG A 245 12.09 24.02 5.21
C ARG A 245 10.96 23.12 5.63
N SER A 246 11.10 21.84 5.31
CA SER A 246 10.11 20.82 5.67
C SER A 246 10.24 20.29 7.10
N GLY A 247 11.27 20.74 7.81
CA GLY A 247 11.44 20.37 9.21
C GLY A 247 12.18 19.05 9.44
N VAL A 248 13.03 18.66 8.49
CA VAL A 248 13.73 17.38 8.52
C VAL A 248 15.17 17.72 8.92
N TYR A 249 15.53 17.37 10.16
CA TYR A 249 16.83 17.72 10.68
C TYR A 249 17.72 16.46 10.70
N SER A 250 18.59 16.34 9.72
CA SER A 250 19.34 15.10 9.62
C SER A 250 20.51 15.09 10.60
N LEU A 251 21.24 13.98 10.67
CA LEU A 251 22.06 13.72 11.86
C LEU A 251 23.06 14.83 12.29
N PRO A 252 23.85 15.39 11.35
CA PRO A 252 24.77 16.45 11.80
C PRO A 252 24.06 17.67 12.41
N LEU A 253 22.88 18.00 11.91
CA LEU A 253 22.15 19.09 12.54
C LEU A 253 21.57 18.62 13.89
N LEU A 254 20.97 17.44 13.88
CA LEU A 254 20.36 16.91 15.09
C LEU A 254 21.40 16.95 16.22
N LEU A 255 22.62 16.54 15.92
CA LEU A 255 23.66 16.51 16.97
C LEU A 255 24.17 17.89 17.42
N SER A 256 23.90 18.92 16.62
CA SER A 256 24.39 20.28 16.87
C SER A 256 23.42 21.13 17.65
N LEU A 257 22.13 20.75 17.64
CA LEU A 257 21.09 21.59 18.21
C LEU A 257 21.35 22.03 19.63
N SER A 258 21.83 21.11 20.45
CA SER A 258 21.95 21.37 21.87
C SER A 258 23.09 22.31 22.17
N HIS A 259 23.94 22.57 21.17
CA HIS A 259 25.06 23.50 21.37
C HIS A 259 24.54 24.93 21.40
N ALA A 260 23.40 25.17 20.77
CA ALA A 260 22.94 26.54 20.69
C ALA A 260 21.47 26.57 20.28
N PRO A 261 20.60 26.01 21.15
CA PRO A 261 19.20 25.76 20.78
C PRO A 261 18.47 27.03 20.38
N ARG A 262 18.74 28.15 21.07
CA ARG A 262 18.08 29.41 20.73
C ARG A 262 18.51 29.95 19.37
N ASP A 263 19.80 29.86 19.06
CA ASP A 263 20.32 30.30 17.77
C ASP A 263 19.76 29.44 16.63
N PHE A 264 19.64 28.14 16.86
CA PHE A 264 19.09 27.32 15.79
C PHE A 264 17.61 27.61 15.66
N HIS A 265 16.93 27.72 16.80
CA HIS A 265 15.51 27.99 16.78
C HIS A 265 15.13 29.30 16.04
N LYS A 266 15.93 30.36 16.20
CA LYS A 266 15.64 31.63 15.51
C LYS A 266 15.53 31.40 14.00
N LEU A 267 16.26 30.40 13.50
CA LEU A 267 16.32 30.16 12.08
C LEU A 267 15.35 29.08 11.62
N LEU A 268 15.38 27.95 12.32
CA LEU A 268 14.57 26.81 11.97
C LEU A 268 13.06 27.11 12.05
N LYS A 269 12.64 27.96 12.98
CA LYS A 269 11.22 28.20 13.23
C LYS A 269 10.50 28.82 12.05
N LYS A 270 11.25 29.40 11.11
CA LYS A 270 10.65 30.04 9.95
C LYS A 270 10.12 29.02 8.94
N LYS A 271 10.43 27.74 9.18
CA LYS A 271 9.98 26.64 8.31
C LYS A 271 10.10 26.99 6.83
N GLN A 272 9.01 26.91 6.09
CA GLN A 272 9.04 27.12 4.65
C GLN A 272 9.53 28.52 4.29
N ALA A 273 9.33 29.46 5.20
CA ALA A 273 9.79 30.83 4.97
C ALA A 273 11.30 30.96 5.16
N MET A 274 11.99 29.88 5.52
CA MET A 274 13.43 29.98 5.70
C MET A 274 14.04 30.52 4.41
N THR A 275 14.83 31.59 4.54
CA THR A 275 15.52 32.17 3.39
C THR A 275 16.84 31.45 3.19
N LEU A 276 17.41 31.60 2.00
CA LEU A 276 18.70 31.00 1.70
C LEU A 276 19.81 31.45 2.68
N GLU A 277 19.71 32.69 3.16
CA GLU A 277 20.69 33.17 4.13
C GLU A 277 20.51 32.38 5.43
N ASP A 278 19.25 32.16 5.80
CA ASP A 278 18.90 31.40 6.96
C ASP A 278 19.55 30.01 6.92
N ILE A 279 19.37 29.32 5.78
CA ILE A 279 19.97 28.00 5.51
C ILE A 279 21.46 27.99 5.69
N LYS A 280 22.13 28.99 5.13
CA LYS A 280 23.57 28.99 5.23
C LYS A 280 24.03 29.22 6.68
N HIS A 281 23.31 30.06 7.41
CA HIS A 281 23.55 30.27 8.83
CA HIS A 281 23.59 30.25 8.82
C HIS A 281 23.39 28.95 9.63
N VAL A 282 22.36 28.18 9.29
CA VAL A 282 22.22 26.85 9.90
C VAL A 282 23.46 26.02 9.61
N GLN A 283 23.90 26.00 8.36
CA GLN A 283 25.08 25.22 8.00
C GLN A 283 26.33 25.72 8.68
N ALA A 284 26.43 27.03 8.90
CA ALA A 284 27.61 27.57 9.56
C ALA A 284 27.65 27.17 11.05
N LEU A 285 26.48 27.08 11.67
CA LEU A 285 26.42 26.61 13.07
C LEU A 285 26.78 25.13 13.17
N VAL A 286 26.25 24.31 12.25
CA VAL A 286 26.63 22.91 12.19
C VAL A 286 28.16 22.78 12.03
N ALA A 287 28.74 23.58 11.14
CA ALA A 287 30.21 23.58 11.01
C ALA A 287 30.90 24.04 12.29
N GLN A 288 30.39 25.09 12.91
CA GLN A 288 31.00 25.61 14.13
C GLN A 288 31.04 24.54 15.21
N TYR A 289 29.96 23.78 15.33
CA TYR A 289 29.85 22.78 16.39
C TYR A 289 30.25 21.40 15.91
N ASP A 290 30.81 21.34 14.71
CA ASP A 290 31.30 20.10 14.12
C ASP A 290 30.27 18.97 14.20
N GLY A 291 29.04 19.26 13.77
CA GLY A 291 28.02 18.23 13.67
C GLY A 291 28.43 17.10 12.75
N VAL A 292 29.15 17.41 11.68
CA VAL A 292 29.61 16.35 10.78
C VAL A 292 30.61 15.35 11.39
N GLY A 293 31.57 15.85 12.15
CA GLY A 293 32.54 15.01 12.87
C GLY A 293 31.85 14.13 13.91
N ALA A 294 30.87 14.70 14.59
CA ALA A 294 30.08 13.90 15.55
C ALA A 294 29.28 12.79 14.81
N ALA A 295 28.64 13.15 13.69
CA ALA A 295 27.88 12.14 12.98
C ALA A 295 28.84 11.09 12.46
N LYS A 296 30.02 11.51 12.01
CA LYS A 296 30.99 10.55 11.50
C LYS A 296 31.42 9.49 12.52
N GLN A 297 31.66 9.88 13.76
CA GLN A 297 32.05 8.89 14.77
C GLN A 297 30.94 7.88 14.94
N LEU A 298 29.67 8.32 14.94
CA LEU A 298 28.59 7.35 15.11
C LEU A 298 28.53 6.40 13.90
N ALA A 299 28.59 6.94 12.68
CA ALA A 299 28.52 6.08 11.51
C ALA A 299 29.66 5.06 11.56
N GLN A 300 30.82 5.49 12.05
CA GLN A 300 31.97 4.59 12.08
C GLN A 300 31.77 3.48 13.11
N ASP A 301 31.18 3.83 14.26
CA ASP A 301 30.92 2.82 15.27
C ASP A 301 29.86 1.80 14.86
N TYR A 302 28.80 2.25 14.18
CA TYR A 302 27.80 1.34 13.61
C TYR A 302 28.42 0.47 12.52
N THR A 303 29.24 1.08 11.68
CA THR A 303 29.95 0.34 10.63
C THR A 303 30.87 -0.74 11.24
N ASP A 304 31.64 -0.37 12.25
CA ASP A 304 32.53 -1.36 12.86
C ASP A 304 31.76 -2.46 13.61
N ARG A 305 30.60 -2.12 14.12
CA ARG A 305 29.75 -3.13 14.76
C ARG A 305 29.28 -4.14 13.70
N ALA A 306 28.86 -3.65 12.54
CA ALA A 306 28.47 -4.57 11.45
C ALA A 306 29.63 -5.49 11.03
N LEU A 307 30.79 -4.91 10.85
CA LEU A 307 31.97 -5.66 10.40
C LEU A 307 32.42 -6.68 11.42
N THR A 308 32.35 -6.32 12.70
CA THR A 308 32.70 -7.24 13.78
C THR A 308 31.76 -8.43 13.76
N LEU A 309 30.47 -8.16 13.57
CA LEU A 309 29.53 -9.28 13.53
C LEU A 309 29.75 -10.15 12.28
N ILE A 310 30.00 -9.50 11.14
CA ILE A 310 30.30 -10.24 9.91
C ILE A 310 31.58 -11.13 10.13
N GLN A 311 32.57 -10.61 10.83
CA GLN A 311 33.77 -11.43 11.09
C GLN A 311 33.52 -12.66 11.98
N GLN A 312 32.36 -12.74 12.62
CA GLN A 312 32.00 -13.90 13.44
C GLN A 312 31.21 -14.94 12.63
N LEU A 313 30.94 -14.68 11.36
CA LEU A 313 30.27 -15.66 10.54
C LEU A 313 31.28 -16.73 10.08
N PRO A 314 30.78 -17.90 9.64
CA PRO A 314 31.59 -19.01 9.13
C PRO A 314 32.53 -18.58 8.01
N VAL A 315 33.80 -18.96 8.12
CA VAL A 315 34.81 -18.51 7.17
C VAL A 315 34.52 -19.00 5.77
N GLY A 316 34.89 -18.21 4.77
CA GLY A 316 34.57 -18.65 3.44
C GLY A 316 34.25 -17.52 2.54
N SER A 317 33.88 -17.87 1.31
CA SER A 317 33.72 -16.89 0.27
C SER A 317 32.62 -15.84 0.58
N ALA A 318 31.51 -16.30 1.14
CA ALA A 318 30.34 -15.45 1.44
C ALA A 318 30.68 -14.47 2.58
N GLN A 319 31.27 -14.98 3.65
CA GLN A 319 31.82 -14.11 4.69
CA GLN A 319 31.79 -14.09 4.68
C GLN A 319 32.69 -13.03 4.06
N GLN A 320 33.64 -13.44 3.23
CA GLN A 320 34.53 -12.43 2.66
C GLN A 320 33.80 -11.44 1.74
N SER A 321 32.87 -11.94 0.93
CA SER A 321 32.04 -11.08 0.08
C SER A 321 31.19 -10.08 0.90
N LEU A 322 30.60 -10.55 2.00
CA LEU A 322 29.85 -9.64 2.89
C LEU A 322 30.72 -8.57 3.51
N GLU A 323 31.92 -8.92 3.94
CA GLU A 323 32.80 -7.89 4.46
C GLU A 323 33.21 -6.91 3.37
N GLN A 324 33.57 -7.40 2.20
CA GLN A 324 33.96 -6.50 1.12
C GLN A 324 32.77 -5.60 0.72
N LEU A 325 31.59 -6.18 0.54
CA LEU A 325 30.42 -5.37 0.14
C LEU A 325 30.12 -4.28 1.18
N THR A 326 30.19 -4.62 2.47
CA THR A 326 29.89 -3.68 3.55
C THR A 326 30.94 -2.55 3.61
N ARG A 327 32.22 -2.90 3.49
CA ARG A 327 33.26 -1.88 3.52
C ARG A 327 33.09 -0.93 2.34
N LEU A 328 32.73 -1.49 1.20
CA LEU A 328 32.44 -0.64 0.05
C LEU A 328 31.23 0.29 0.25
N LEU A 329 30.11 -0.29 0.66
CA LEU A 329 28.89 0.47 0.81
C LEU A 329 29.10 1.54 1.85
N LEU A 330 29.84 1.22 2.91
CA LEU A 330 29.91 2.15 4.01
C LEU A 330 31.23 2.91 3.97
N ARG A 331 31.88 2.92 2.81
CA ARG A 331 33.05 3.75 2.58
C ARG A 331 34.09 3.57 3.68
N ARG A 332 34.40 2.33 4.04
CA ARG A 332 35.40 2.04 5.09
C ARG A 332 36.47 1.05 4.62
N ASP A 333 37.03 1.31 3.43
CA ASP A 333 38.06 0.43 2.85
C ASP A 333 39.43 0.69 3.46
N LEU B 10 -31.38 0.85 6.37
CA LEU B 10 -29.92 0.68 6.67
C LEU B 10 -29.44 1.64 7.75
N ASP B 11 -30.13 1.68 8.87
CA ASP B 11 -29.59 2.38 10.03
C ASP B 11 -28.32 1.63 10.43
N ARG B 12 -27.41 2.30 11.13
CA ARG B 12 -26.20 1.61 11.61
C ARG B 12 -26.56 0.62 12.73
N GLN B 13 -27.85 0.58 13.10
CA GLN B 13 -28.41 -0.39 14.06
C GLN B 13 -28.88 -1.68 13.38
N LEU B 14 -28.65 -1.77 12.07
CA LEU B 14 -29.06 -2.89 11.21
C LEU B 14 -28.97 -4.26 11.86
N TRP B 15 -27.86 -4.53 12.58
CA TRP B 15 -27.55 -5.90 12.97
C TRP B 15 -28.44 -6.39 14.09
N ARG B 16 -29.22 -5.47 14.67
CA ARG B 16 -30.20 -5.85 15.66
C ARG B 16 -31.21 -6.82 15.06
N GLN B 17 -31.41 -6.77 13.74
CA GLN B 17 -32.36 -7.64 13.09
C GLN B 17 -31.76 -8.99 12.74
N PHE B 18 -30.48 -9.18 13.06
CA PHE B 18 -29.78 -10.42 12.70
C PHE B 18 -29.06 -10.89 13.94
N PRO B 19 -29.84 -11.27 14.97
CA PRO B 19 -29.19 -11.49 16.25
C PRO B 19 -28.14 -12.61 16.26
N GLN B 20 -28.22 -13.60 15.35
CA GLN B 20 -27.24 -14.67 15.41
C GLN B 20 -25.82 -14.19 15.06
N VAL B 21 -25.69 -13.03 14.43
CA VAL B 21 -24.33 -12.50 14.08
C VAL B 21 -24.02 -11.18 14.78
N GLU B 22 -25.00 -10.68 15.54
CA GLU B 22 -24.87 -9.40 16.22
C GLU B 22 -23.71 -9.37 17.20
N PRO B 23 -23.53 -10.45 18.00
CA PRO B 23 -22.34 -10.37 18.85
C PRO B 23 -21.03 -10.29 18.07
N GLN B 24 -20.87 -11.03 16.98
CA GLN B 24 -19.64 -10.90 16.19
C GLN B 24 -19.47 -9.56 15.51
N LEU B 25 -20.55 -8.97 14.99
CA LEU B 25 -20.44 -7.67 14.34
C LEU B 25 -20.15 -6.57 15.37
N THR B 26 -20.69 -6.72 16.56
CA THR B 26 -20.43 -5.77 17.64
C THR B 26 -18.99 -5.86 18.04
N ALA B 27 -18.52 -7.09 18.29
CA ALA B 27 -17.12 -7.30 18.62
C ALA B 27 -16.18 -6.83 17.47
N LEU B 28 -16.60 -6.97 16.22
CA LEU B 28 -15.73 -6.57 15.11
C LEU B 28 -15.48 -5.06 15.10
N GLN B 29 -16.52 -4.28 15.33
CA GLN B 29 -16.38 -2.82 15.27
C GLN B 29 -15.29 -2.38 16.24
N ASP B 30 -15.31 -2.93 17.44
CA ASP B 30 -14.33 -2.56 18.47
C ASP B 30 -12.96 -3.10 18.14
N TYR B 31 -12.92 -4.29 17.54
CA TYR B 31 -11.64 -4.88 17.18
C TYR B 31 -11.00 -4.04 16.09
N LEU B 32 -11.79 -3.62 15.12
CA LEU B 32 -11.30 -2.81 14.01
C LEU B 32 -10.70 -1.51 14.50
N LEU B 33 -11.47 -0.79 15.30
CA LEU B 33 -11.02 0.46 15.92
C LEU B 33 -9.69 0.27 16.63
N ARG B 34 -9.59 -0.73 17.49
CA ARG B 34 -8.34 -1.01 18.17
C ARG B 34 -7.24 -1.34 17.17
N THR B 35 -7.57 -2.11 16.14
CA THR B 35 -6.55 -2.59 15.21
C THR B 35 -5.92 -1.44 14.40
N VAL B 36 -6.72 -0.47 13.97
CA VAL B 36 -6.25 0.67 13.17
C VAL B 36 -5.79 1.91 13.98
N GLN B 37 -5.69 1.77 15.30
CA GLN B 37 -5.20 2.85 16.16
C GLN B 37 -3.83 3.36 15.70
N LEU B 38 -3.65 4.66 15.80
CA LEU B 38 -2.48 5.32 15.24
C LEU B 38 -2.19 6.66 15.92
N ASP B 39 -0.90 6.93 16.17
CA ASP B 39 -0.44 8.23 16.70
C ASP B 39 -0.91 9.44 15.88
N ASN B 40 -0.47 9.52 14.62
CA ASN B 40 -0.86 10.63 13.75
C ASN B 40 -2.37 10.76 13.61
N GLN B 41 -2.90 11.91 14.04
CA GLN B 41 -4.33 12.12 14.03
C GLN B 41 -4.88 12.39 12.65
N PRO B 42 -4.16 13.18 11.84
CA PRO B 42 -4.73 13.50 10.54
C PRO B 42 -4.86 12.23 9.71
N ILE B 43 -3.91 11.30 9.91
CA ILE B 43 -3.92 10.05 9.17
C ILE B 43 -4.99 9.12 9.75
N HIS B 44 -4.96 8.96 11.07
CA HIS B 44 -6.00 8.22 11.80
C HIS B 44 -7.41 8.68 11.45
N HIS B 45 -7.59 9.98 11.25
CA HIS B 45 -8.90 10.52 10.99
C HIS B 45 -9.39 10.16 9.60
N LYS B 46 -8.44 10.00 8.67
CA LYS B 46 -8.74 9.50 7.32
C LYS B 46 -9.45 8.15 7.44
N ILE B 47 -8.89 7.33 8.32
CA ILE B 47 -9.39 5.98 8.60
C ILE B 47 -10.68 6.08 9.41
N LEU B 48 -10.63 6.79 10.54
CA LEU B 48 -11.73 6.76 11.50
C LEU B 48 -13.04 7.21 10.84
N ALA B 49 -12.92 8.14 9.89
CA ALA B 49 -14.08 8.63 9.19
C ALA B 49 -14.85 7.50 8.52
N LEU B 50 -14.14 6.59 7.85
CA LEU B 50 -14.80 5.48 7.17
C LEU B 50 -15.30 4.37 8.12
N LEU B 51 -14.62 4.20 9.25
CA LEU B 51 -15.06 3.26 10.27
C LEU B 51 -16.25 3.73 11.11
N LYS B 52 -16.63 5.00 10.98
CA LYS B 52 -17.69 5.56 11.82
C LYS B 52 -18.87 6.10 11.03
N SER B 53 -18.64 6.47 9.77
CA SER B 53 -19.70 6.99 8.91
C SER B 53 -20.11 5.95 7.87
N GLY B 54 -21.20 6.24 7.15
CA GLY B 54 -21.66 5.40 6.06
C GLY B 54 -22.21 4.04 6.48
N GLY B 55 -22.13 3.07 5.59
CA GLY B 55 -22.62 1.71 5.83
C GLY B 55 -21.83 0.95 6.89
N LYS B 56 -22.52 0.29 7.81
CA LYS B 56 -21.81 -0.43 8.86
C LYS B 56 -21.60 -1.92 8.59
N LEU B 57 -20.35 -2.25 8.27
CA LEU B 57 -19.89 -3.64 8.22
C LEU B 57 -20.79 -4.50 7.35
N LEU B 58 -21.24 -3.91 6.24
CA LEU B 58 -22.06 -4.65 5.31
C LEU B 58 -21.37 -5.93 4.78
N ARG B 59 -20.12 -5.79 4.33
CA ARG B 59 -19.39 -6.91 3.75
C ARG B 59 -19.08 -7.94 4.83
N PRO B 60 -18.65 -7.48 6.00
CA PRO B 60 -18.49 -8.46 7.09
C PRO B 60 -19.77 -9.12 7.53
N GLY B 61 -20.90 -8.46 7.38
CA GLY B 61 -22.19 -9.08 7.62
C GLY B 61 -22.44 -10.30 6.74
N TYR B 62 -22.20 -10.17 5.43
CA TYR B 62 -22.30 -11.33 4.51
C TYR B 62 -21.32 -12.45 4.86
N PHE B 63 -20.09 -12.04 5.20
CA PHE B 63 -19.05 -12.96 5.68
C PHE B 63 -19.54 -13.79 6.87
N TYR B 64 -20.05 -13.11 7.89
CA TYR B 64 -20.41 -13.84 9.11
C TYR B 64 -21.69 -14.67 8.92
N LEU B 65 -22.64 -14.15 8.15
CA LEU B 65 -23.85 -14.94 7.86
C LEU B 65 -23.45 -16.25 7.17
N PHE B 66 -22.60 -16.18 6.15
CA PHE B 66 -22.11 -17.40 5.51
C PHE B 66 -21.27 -18.27 6.44
N SER B 67 -20.60 -17.66 7.42
CA SER B 67 -19.81 -18.49 8.35
C SER B 67 -20.68 -19.34 9.25
N THR B 68 -21.97 -19.05 9.39
CA THR B 68 -22.79 -19.85 10.27
C THR B 68 -23.13 -21.22 9.63
N PHE B 69 -22.77 -21.41 8.38
CA PHE B 69 -22.86 -22.74 7.77
C PHE B 69 -21.72 -23.71 8.16
N GLY B 70 -20.77 -23.25 8.98
CA GLY B 70 -19.61 -24.08 9.30
C GLY B 70 -19.19 -23.87 10.74
N ASN B 71 -18.30 -24.71 11.23
CA ASN B 71 -17.76 -24.41 12.54
C ASN B 71 -16.25 -24.67 12.62
N ALA B 72 -15.57 -24.62 11.48
CA ALA B 72 -14.15 -25.01 11.44
C ALA B 72 -13.18 -23.98 12.03
N ALA B 73 -13.56 -22.70 12.03
CA ALA B 73 -12.60 -21.66 12.43
C ALA B 73 -12.88 -21.11 13.83
N THR B 74 -11.84 -20.65 14.54
CA THR B 74 -12.05 -20.02 15.85
C THR B 74 -12.64 -18.66 15.65
N PRO B 75 -13.26 -18.09 16.71
CA PRO B 75 -13.85 -16.78 16.63
C PRO B 75 -12.79 -15.72 16.31
N ALA B 76 -11.58 -15.93 16.83
CA ALA B 76 -10.46 -15.00 16.54
C ALA B 76 -10.12 -15.05 15.05
N GLN B 77 -10.02 -16.25 14.46
CA GLN B 77 -9.74 -16.41 13.02
CA GLN B 77 -9.73 -16.37 13.03
C GLN B 77 -10.80 -15.75 12.15
N LEU B 78 -12.07 -16.03 12.44
CA LEU B 78 -13.17 -15.42 11.71
C LEU B 78 -13.13 -13.90 11.82
N GLN B 79 -12.79 -13.42 13.00
CA GLN B 79 -12.81 -12.01 13.22
C GLN B 79 -11.70 -11.33 12.39
N ALA B 80 -10.55 -11.99 12.28
CA ALA B 80 -9.47 -11.46 11.45
C ALA B 80 -9.89 -11.50 9.99
N GLY B 81 -10.58 -12.58 9.58
CA GLY B 81 -11.11 -12.71 8.19
C GLY B 81 -12.04 -11.55 7.84
N ALA B 82 -13.00 -11.32 8.73
CA ALA B 82 -13.95 -10.22 8.54
C ALA B 82 -13.27 -8.85 8.58
N ALA B 83 -12.30 -8.67 9.49
CA ALA B 83 -11.56 -7.41 9.59
C ALA B 83 -10.78 -7.16 8.30
N ALA B 84 -10.20 -8.22 7.73
CA ALA B 84 -9.35 -8.06 6.57
C ALA B 84 -10.15 -7.47 5.42
N ILE B 85 -11.36 -7.99 5.24
CA ILE B 85 -12.20 -7.49 4.16
CA ILE B 85 -12.32 -7.52 4.23
C ILE B 85 -12.57 -6.02 4.40
N GLU B 86 -12.98 -5.64 5.61
CA GLU B 86 -13.31 -4.24 5.85
C GLU B 86 -12.06 -3.36 5.74
N ILE B 87 -10.92 -3.90 6.16
CA ILE B 87 -9.70 -3.11 6.04
C ILE B 87 -9.28 -2.84 4.60
N LEU B 88 -9.33 -3.87 3.77
CA LEU B 88 -9.12 -3.69 2.35
C LEU B 88 -10.12 -2.69 1.77
N HIS B 89 -11.39 -2.85 2.12
CA HIS B 89 -12.42 -1.91 1.66
C HIS B 89 -11.99 -0.49 2.00
N VAL B 90 -11.64 -0.27 3.26
CA VAL B 90 -11.30 1.09 3.72
C VAL B 90 -10.01 1.60 3.07
N GLY B 91 -9.02 0.72 2.96
CA GLY B 91 -7.76 1.09 2.28
C GLY B 91 -7.95 1.58 0.88
N THR B 92 -8.76 0.87 0.10
CA THR B 92 -9.02 1.32 -1.27
C THR B 92 -9.86 2.60 -1.31
N LEU B 93 -10.73 2.80 -0.32
CA LEU B 93 -11.57 4.00 -0.35
C LEU B 93 -10.72 5.23 -0.10
N ILE B 94 -9.77 5.13 0.83
CA ILE B 94 -8.87 6.22 1.12
C ILE B 94 -8.02 6.60 -0.08
N HIS B 95 -7.43 5.62 -0.75
CA HIS B 95 -6.65 5.92 -1.94
C HIS B 95 -7.51 6.41 -3.10
N ASP B 96 -8.75 5.97 -3.16
CA ASP B 96 -9.65 6.42 -4.22
C ASP B 96 -9.90 7.93 -4.06
N ASP B 97 -9.59 8.47 -2.88
CA ASP B 97 -9.73 9.90 -2.62
C ASP B 97 -8.62 10.75 -3.23
N VAL B 98 -7.48 10.15 -3.54
CA VAL B 98 -6.36 10.93 -4.06
C VAL B 98 -6.77 11.71 -5.30
N ILE B 99 -6.10 12.84 -5.54
CA ILE B 99 -6.42 13.71 -6.67
C ILE B 99 -5.23 13.91 -7.61
N THR B 114 -1.35 19.92 -0.43
CA THR B 114 -1.55 18.49 -0.53
C THR B 114 -0.94 17.73 0.66
N TYR B 115 -0.45 18.46 1.65
CA TYR B 115 0.08 17.83 2.87
C TYR B 115 -0.90 16.78 3.41
N GLY B 116 -2.20 17.00 3.22
CA GLY B 116 -3.23 16.02 3.56
C GLY B 116 -3.17 14.83 2.62
N GLN B 117 -2.63 15.07 1.43
CA GLN B 117 -2.37 14.03 0.44
C GLN B 117 -1.27 13.04 0.90
N ARG B 118 -0.25 13.54 1.62
CA ARG B 118 0.66 12.67 2.34
C ARG B 118 -0.17 11.74 3.20
N ASN B 119 -1.31 12.26 3.66
CA ASN B 119 -2.14 11.60 4.65
C ASN B 119 -2.94 10.46 4.06
N ALA B 120 -3.61 10.72 2.94
CA ALA B 120 -4.33 9.68 2.24
C ALA B 120 -3.37 8.54 1.83
N ILE B 121 -2.20 8.89 1.30
CA ILE B 121 -1.27 7.89 0.80
C ILE B 121 -0.80 7.03 1.94
N TYR B 122 -0.37 7.64 3.02
CA TYR B 122 0.10 6.85 4.16
C TYR B 122 -1.04 6.12 4.89
N ALA B 123 -2.20 6.75 4.99
CA ALA B 123 -3.30 6.08 5.65
C ALA B 123 -3.63 4.79 4.86
N GLY B 124 -3.78 4.91 3.54
CA GLY B 124 -3.98 3.77 2.65
C GLY B 124 -2.92 2.70 2.83
N ASP B 125 -1.66 3.10 2.90
CA ASP B 125 -0.58 2.14 2.93
C ASP B 125 -0.58 1.41 4.25
N PHE B 126 -0.89 2.15 5.31
CA PHE B 126 -1.03 1.56 6.63
C PHE B 126 -2.11 0.48 6.58
N MET B 127 -3.23 0.76 5.92
CA MET B 127 -4.33 -0.22 5.90
C MET B 127 -3.90 -1.51 5.16
N PHE B 128 -3.15 -1.37 4.08
CA PHE B 128 -2.68 -2.59 3.35
C PHE B 128 -1.78 -3.48 4.18
N THR B 129 -0.93 -2.89 5.01
CA THR B 129 -0.08 -3.71 5.85
C THR B 129 -0.90 -4.39 6.97
N VAL B 130 -1.84 -3.67 7.56
CA VAL B 130 -2.75 -4.35 8.49
C VAL B 130 -3.60 -5.42 7.77
N TYR B 131 -4.04 -5.14 6.55
CA TYR B 131 -4.72 -6.14 5.75
C TYR B 131 -4.02 -7.50 5.72
N PHE B 132 -2.77 -7.51 5.24
CA PHE B 132 -2.03 -8.76 5.09
C PHE B 132 -1.89 -9.45 6.43
N ASP B 133 -1.63 -8.66 7.46
CA ASP B 133 -1.48 -9.23 8.81
C ASP B 133 -2.76 -10.00 9.20
N GLN B 134 -3.92 -9.39 8.93
CA GLN B 134 -5.21 -9.97 9.32
C GLN B 134 -5.51 -11.23 8.47
N VAL B 135 -5.18 -11.14 7.20
CA VAL B 135 -5.35 -12.27 6.28
C VAL B 135 -4.60 -13.47 6.85
N LEU B 136 -3.36 -13.24 7.27
CA LEU B 136 -2.54 -14.34 7.77
C LEU B 136 -3.12 -14.85 9.07
N LYS B 137 -3.54 -13.92 9.91
CA LYS B 137 -4.10 -14.29 11.17
C LYS B 137 -5.34 -15.15 10.99
N SER B 138 -6.10 -14.93 9.90
CA SER B 138 -7.35 -15.67 9.66
C SER B 138 -7.19 -17.14 9.32
N THR B 139 -6.05 -17.55 8.75
CA THR B 139 -5.96 -18.89 8.12
C THR B 139 -4.54 -19.43 7.93
N THR B 140 -4.39 -20.74 7.98
CA THR B 140 -3.11 -21.34 7.65
C THR B 140 -3.22 -21.97 6.28
N ASP B 141 -4.39 -21.85 5.66
CA ASP B 141 -4.63 -22.41 4.33
C ASP B 141 -4.06 -21.49 3.23
N ARG B 142 -3.01 -21.95 2.56
CA ARG B 142 -2.37 -21.10 1.57
C ARG B 142 -3.28 -20.64 0.42
N SER B 143 -4.22 -21.47 0.00
CA SER B 143 -5.01 -21.08 -1.17
C SER B 143 -6.03 -19.99 -0.80
N LEU B 144 -6.50 -19.96 0.45
CA LEU B 144 -7.34 -18.84 0.93
C LEU B 144 -6.56 -17.53 1.06
N ILE B 145 -5.30 -17.62 1.46
CA ILE B 145 -4.44 -16.44 1.39
C ILE B 145 -4.24 -15.94 -0.05
N GLN B 146 -3.97 -16.86 -0.98
CA GLN B 146 -3.80 -16.50 -2.39
C GLN B 146 -5.10 -15.91 -2.96
N ASN B 147 -6.22 -16.49 -2.54
CA ASN B 147 -7.54 -15.97 -2.92
C ASN B 147 -7.69 -14.47 -2.56
N HIS B 148 -7.26 -14.10 -1.36
CA HIS B 148 -7.22 -12.68 -0.99
C HIS B 148 -6.30 -11.83 -1.87
N ILE B 149 -5.07 -12.29 -2.09
CA ILE B 149 -4.12 -11.50 -2.89
C ILE B 149 -4.66 -11.31 -4.30
N ASP B 150 -5.20 -12.38 -4.88
CA ASP B 150 -5.74 -12.32 -6.24
C ASP B 150 -6.88 -11.32 -6.31
N ALA B 151 -7.72 -11.28 -5.29
CA ALA B 151 -8.84 -10.34 -5.28
C ALA B 151 -8.34 -8.90 -5.25
N MET B 152 -7.38 -8.62 -4.37
CA MET B 152 -6.80 -7.29 -4.26
C MET B 152 -6.15 -6.90 -5.58
N HIS B 153 -5.49 -7.87 -6.20
CA HIS B 153 -4.88 -7.71 -7.51
C HIS B 153 -5.91 -7.29 -8.58
N ARG B 154 -7.03 -8.01 -8.64
CA ARG B 154 -8.10 -7.69 -9.59
C ARG B 154 -8.65 -6.29 -9.37
N ILE B 155 -8.87 -5.94 -8.10
CA ILE B 155 -9.37 -4.62 -7.73
C ILE B 155 -8.41 -3.51 -8.16
N LEU B 156 -7.13 -3.66 -7.84
CA LEU B 156 -6.17 -2.62 -8.22
C LEU B 156 -5.96 -2.57 -9.73
N GLN B 157 -5.82 -3.73 -10.39
CA GLN B 157 -5.80 -3.72 -11.85
C GLN B 157 -6.99 -2.90 -12.36
N GLY B 158 -8.16 -3.17 -11.81
CA GLY B 158 -9.36 -2.46 -12.24
C GLY B 158 -9.23 -0.95 -12.05
N GLU B 159 -8.64 -0.54 -10.94
CA GLU B 159 -8.49 0.88 -10.63
C GLU B 159 -7.56 1.53 -11.67
N LEU B 160 -6.58 0.77 -12.13
CA LEU B 160 -5.57 1.29 -13.07
C LEU B 160 -6.11 1.40 -14.51
N HIS B 161 -7.30 0.84 -14.76
CA HIS B 161 -7.94 0.98 -16.08
C HIS B 161 -8.81 2.23 -16.18
N GLN B 162 -9.08 2.86 -15.04
CA GLN B 162 -10.05 3.96 -14.99
C GLN B 162 -9.66 5.14 -15.86
N MET B 163 -8.45 5.66 -15.66
CA MET B 163 -8.09 6.82 -16.44
C MET B 163 -8.49 6.62 -17.90
N ASP B 164 -8.22 5.43 -18.44
CA ASP B 164 -8.58 5.11 -19.84
C ASP B 164 -10.09 5.15 -20.17
N LEU B 165 -10.94 4.83 -19.19
CA LEU B 165 -12.40 4.81 -19.39
C LEU B 165 -13.04 6.18 -19.25
N ASN B 166 -12.44 7.03 -18.44
CA ASN B 166 -13.00 8.33 -18.22
C ASN B 166 -13.16 9.07 -19.54
N TYR B 167 -14.27 9.80 -19.65
CA TYR B 167 -14.60 10.59 -20.85
C TYR B 167 -14.99 9.79 -22.09
N ARG B 168 -14.97 8.47 -22.00
CA ARG B 168 -15.36 7.61 -23.12
C ARG B 168 -16.88 7.62 -23.29
N GLU B 169 -17.37 8.18 -24.39
CA GLU B 169 -18.81 8.19 -24.64
C GLU B 169 -19.24 6.98 -25.50
N ASP B 170 -18.27 6.17 -25.94
CA ASP B 170 -18.58 4.94 -26.65
C ASP B 170 -18.52 3.69 -25.74
N ILE B 171 -18.49 3.90 -24.42
CA ILE B 171 -18.36 2.77 -23.48
C ILE B 171 -19.56 1.83 -23.59
N THR B 172 -19.32 0.53 -23.77
CA THR B 172 -20.40 -0.45 -23.87
C THR B 172 -20.91 -0.90 -22.48
N LEU B 173 -22.09 -1.52 -22.45
CA LEU B 173 -22.63 -2.01 -21.19
C LEU B 173 -21.67 -3.07 -20.65
N ASP B 174 -21.05 -3.79 -21.58
CA ASP B 174 -20.12 -4.87 -21.23
C ASP B 174 -18.91 -4.36 -20.46
N ALA B 175 -18.35 -3.26 -20.94
CA ALA B 175 -17.22 -2.65 -20.29
C ALA B 175 -17.62 -2.11 -18.91
N TYR B 176 -18.80 -1.51 -18.83
CA TYR B 176 -19.24 -0.95 -17.55
C TYR B 176 -19.40 -2.07 -16.52
N LEU B 177 -19.93 -3.21 -16.98
CA LEU B 177 -20.21 -4.33 -16.07
C LEU B 177 -18.91 -4.96 -15.63
N ASN B 178 -18.02 -5.11 -16.58
CA ASN B 178 -16.73 -5.65 -16.27
C ASN B 178 -15.91 -4.75 -15.37
N GLU B 179 -15.95 -3.45 -15.64
CA GLU B 179 -14.96 -2.54 -15.07
C GLU B 179 -15.48 -1.73 -13.91
N ILE B 180 -16.79 -1.56 -13.83
CA ILE B 180 -17.37 -0.73 -12.79
C ILE B 180 -18.14 -1.57 -11.77
N ALA B 181 -19.25 -2.18 -12.20
CA ALA B 181 -20.00 -3.06 -11.32
C ALA B 181 -19.12 -4.24 -10.83
N GLY B 182 -18.41 -4.87 -11.75
CA GLY B 182 -17.62 -6.09 -11.47
C GLY B 182 -16.51 -5.87 -10.47
N LYS B 183 -15.95 -4.67 -10.48
CA LYS B 183 -14.91 -4.32 -9.50
C LYS B 183 -15.50 -4.23 -8.09
N THR B 184 -16.64 -3.56 -7.96
CA THR B 184 -17.33 -3.42 -6.67
C THR B 184 -17.77 -4.79 -6.17
N ALA B 185 -18.16 -5.65 -7.09
CA ALA B 185 -18.55 -7.02 -6.76
C ALA B 185 -17.44 -7.83 -6.09
N GLU B 186 -16.18 -7.53 -6.40
CA GLU B 186 -15.08 -8.35 -5.89
C GLU B 186 -15.11 -8.52 -4.36
N LEU B 187 -15.29 -7.43 -3.62
CA LEU B 187 -15.27 -7.54 -2.15
C LEU B 187 -16.49 -8.29 -1.61
N PHE B 188 -17.63 -8.19 -2.30
CA PHE B 188 -18.82 -8.96 -1.93
C PHE B 188 -18.59 -10.45 -2.15
N ALA B 189 -18.05 -10.82 -3.32
CA ALA B 189 -17.71 -12.22 -3.58
C ALA B 189 -16.67 -12.71 -2.55
N LEU B 190 -15.63 -11.92 -2.33
CA LEU B 190 -14.60 -12.28 -1.36
C LEU B 190 -15.18 -12.54 0.04
N SER B 191 -16.11 -11.68 0.47
CA SER B 191 -16.75 -11.84 1.76
C SER B 191 -17.49 -13.17 1.90
N CYS B 192 -18.36 -13.46 0.95
CA CYS B 192 -19.18 -14.66 1.03
C CYS B 192 -18.28 -15.89 0.96
N TYR B 193 -17.31 -15.83 0.06
CA TYR B 193 -16.42 -16.96 -0.17
C TYR B 193 -15.55 -17.31 1.04
N GLN B 194 -14.88 -16.31 1.62
CA GLN B 194 -13.98 -16.54 2.73
C GLN B 194 -14.77 -16.91 3.99
N GLY B 195 -15.92 -16.29 4.21
CA GLY B 195 -16.76 -16.63 5.38
C GLY B 195 -17.11 -18.12 5.37
N ALA B 196 -17.58 -18.63 4.24
CA ALA B 196 -17.93 -20.03 4.09
C ALA B 196 -16.72 -20.98 4.16
N GLN B 197 -15.63 -20.59 3.48
CA GLN B 197 -14.41 -21.43 3.40
C GLN B 197 -13.70 -21.50 4.73
N LEU B 198 -13.51 -20.37 5.40
CA LEU B 198 -12.86 -20.39 6.72
C LEU B 198 -13.67 -21.25 7.72
N ALA B 199 -14.99 -21.09 7.75
CA ALA B 199 -15.83 -21.87 8.66
C ALA B 199 -15.95 -23.34 8.28
N GLY B 200 -15.48 -23.69 7.09
CA GLY B 200 -15.63 -25.05 6.55
C GLY B 200 -17.08 -25.43 6.26
N ALA B 201 -17.81 -24.52 5.62
CA ALA B 201 -19.17 -24.84 5.20
C ALA B 201 -19.07 -25.97 4.18
N PRO B 202 -20.18 -26.63 3.88
CA PRO B 202 -20.17 -27.71 2.87
C PRO B 202 -19.81 -27.15 1.49
N GLN B 203 -19.25 -27.99 0.63
CA GLN B 203 -18.92 -27.57 -0.74
C GLN B 203 -20.11 -26.97 -1.46
N SER B 204 -21.26 -27.61 -1.30
CA SER B 204 -22.51 -27.11 -1.85
C SER B 204 -22.66 -25.62 -1.63
N VAL B 205 -22.41 -25.19 -0.41
CA VAL B 205 -22.55 -23.79 -0.03
C VAL B 205 -21.40 -22.99 -0.65
N ILE B 206 -20.17 -23.44 -0.44
CA ILE B 206 -19.00 -22.75 -0.98
C ILE B 206 -19.13 -22.48 -2.48
N ASP B 207 -19.66 -23.45 -3.21
CA ASP B 207 -19.75 -23.38 -4.66
C ASP B 207 -20.69 -22.29 -5.11
N ARG B 208 -21.55 -21.82 -4.22
CA ARG B 208 -22.51 -20.80 -4.63
C ARG B 208 -22.09 -19.42 -4.15
N THR B 209 -21.10 -19.33 -3.27
CA THR B 209 -20.84 -18.05 -2.62
C THR B 209 -20.42 -16.97 -3.60
N ARG B 210 -19.54 -17.28 -4.56
CA ARG B 210 -19.02 -16.22 -5.44
CA ARG B 210 -19.05 -16.20 -5.39
C ARG B 210 -20.10 -15.69 -6.37
N ASP B 211 -20.90 -16.61 -6.92
CA ASP B 211 -22.01 -16.24 -7.82
C ASP B 211 -23.00 -15.34 -7.07
N ILE B 212 -23.28 -15.66 -5.81
CA ILE B 212 -24.13 -14.80 -5.00
C ILE B 212 -23.51 -13.41 -4.74
N GLY B 213 -22.24 -13.37 -4.31
CA GLY B 213 -21.63 -12.09 -3.95
C GLY B 213 -21.44 -11.19 -5.17
N ILE B 214 -21.10 -11.79 -6.31
CA ILE B 214 -20.99 -11.02 -7.57
C ILE B 214 -22.32 -10.36 -7.99
N ALA B 215 -23.39 -11.14 -7.95
CA ALA B 215 -24.71 -10.58 -8.33
C ALA B 215 -25.12 -9.45 -7.39
N ILE B 216 -24.92 -9.67 -6.09
CA ILE B 216 -25.20 -8.63 -5.09
C ILE B 216 -24.35 -7.41 -5.29
N GLY B 217 -23.04 -7.61 -5.39
CA GLY B 217 -22.11 -6.49 -5.54
C GLY B 217 -22.39 -5.69 -6.81
N CYS B 218 -22.69 -6.36 -7.92
CA CYS B 218 -23.04 -5.62 -9.13
C CYS B 218 -24.33 -4.84 -8.96
N ALA B 219 -25.38 -5.46 -8.41
CA ALA B 219 -26.64 -4.75 -8.19
C ALA B 219 -26.46 -3.55 -7.31
N TYR B 220 -25.64 -3.71 -6.29
CA TYR B 220 -25.37 -2.66 -5.36
C TYR B 220 -24.76 -1.44 -6.05
N GLN B 221 -23.77 -1.69 -6.91
CA GLN B 221 -23.14 -0.57 -7.64
C GLN B 221 -24.17 0.09 -8.55
N MET B 222 -24.90 -0.71 -9.31
CA MET B 222 -25.96 -0.14 -10.20
C MET B 222 -26.96 0.75 -9.43
N LEU B 223 -27.43 0.28 -8.27
CA LEU B 223 -28.35 1.05 -7.45
C LEU B 223 -27.78 2.36 -7.02
N ASP B 224 -26.50 2.39 -6.71
CA ASP B 224 -25.87 3.64 -6.33
C ASP B 224 -25.86 4.60 -7.53
N ASP B 225 -25.50 4.08 -8.69
CA ASP B 225 -25.54 4.83 -9.96
C ASP B 225 -26.96 5.37 -10.23
N ILE B 226 -27.97 4.53 -9.99
CA ILE B 226 -29.35 4.95 -10.18
C ILE B 226 -29.67 6.18 -9.34
N LEU B 227 -29.11 6.23 -8.13
CA LEU B 227 -29.38 7.32 -7.22
C LEU B 227 -28.72 8.62 -7.66
N ASP B 228 -27.69 8.53 -8.50
CA ASP B 228 -27.04 9.74 -8.99
C ASP B 228 -28.08 10.58 -9.75
N TYR B 229 -28.99 9.92 -10.43
CA TYR B 229 -29.92 10.57 -11.35
C TYR B 229 -31.40 10.40 -10.98
N ALA B 230 -31.70 9.64 -9.93
CA ALA B 230 -33.09 9.37 -9.55
C ALA B 230 -33.40 9.91 -8.17
N GLY B 231 -32.34 10.32 -7.50
CA GLY B 231 -32.41 10.89 -6.18
C GLY B 231 -32.82 12.33 -6.33
N ASP B 232 -33.35 12.89 -5.26
CA ASP B 232 -33.78 14.26 -5.28
C ASP B 232 -32.56 15.09 -5.55
N PRO B 233 -32.71 16.09 -6.39
CA PRO B 233 -31.59 16.86 -6.93
C PRO B 233 -31.07 17.74 -5.85
N LYS B 234 -31.70 17.59 -4.71
CA LYS B 234 -31.38 18.39 -3.56
C LYS B 234 -29.93 18.16 -3.27
N ARG B 235 -29.51 16.90 -3.32
CA ARG B 235 -28.12 16.60 -3.04
C ARG B 235 -27.39 15.82 -4.10
N THR B 236 -28.07 15.35 -5.13
CA THR B 236 -27.37 14.60 -6.18
C THR B 236 -26.40 15.38 -7.05
N GLN B 237 -26.79 16.55 -7.52
CA GLN B 237 -25.99 17.21 -8.54
C GLN B 237 -24.61 17.64 -8.10
N LYS B 238 -24.41 17.66 -6.80
CA LYS B 238 -23.11 18.04 -6.24
C LYS B 238 -22.03 17.05 -6.69
N PRO B 239 -22.12 15.80 -6.20
CA PRO B 239 -21.16 14.75 -6.53
C PRO B 239 -21.29 14.27 -7.98
N VAL B 240 -22.48 14.38 -8.57
CA VAL B 240 -22.62 14.04 -9.99
C VAL B 240 -21.89 15.09 -10.84
N LEU B 241 -22.01 16.36 -10.45
CA LEU B 241 -21.27 17.40 -11.14
C LEU B 241 -19.78 17.03 -11.18
N GLU B 242 -19.26 16.51 -10.06
CA GLU B 242 -17.82 16.14 -10.00
C GLU B 242 -17.48 14.96 -10.89
N ASP B 243 -18.32 13.92 -10.83
CA ASP B 243 -18.12 12.75 -11.67
C ASP B 243 -18.07 13.14 -13.13
N LEU B 244 -19.05 13.93 -13.56
CA LEU B 244 -19.17 14.32 -14.97
C LEU B 244 -17.96 15.12 -15.43
N ARG B 245 -17.58 16.13 -14.66
CA ARG B 245 -16.37 16.91 -14.93
C ARG B 245 -15.14 16.02 -15.06
N SER B 246 -15.18 14.87 -14.37
CA SER B 246 -14.07 13.92 -14.39
C SER B 246 -14.20 12.83 -15.45
N GLY B 247 -15.33 12.82 -16.16
CA GLY B 247 -15.47 11.83 -17.22
C GLY B 247 -16.01 10.50 -16.70
N VAL B 248 -16.67 10.54 -15.55
CA VAL B 248 -17.28 9.35 -14.97
C VAL B 248 -18.77 9.39 -15.24
N TYR B 249 -19.25 8.46 -16.06
CA TYR B 249 -20.63 8.46 -16.53
C TYR B 249 -21.30 7.19 -15.99
N SER B 250 -22.17 7.36 -15.00
CA SER B 250 -22.81 6.23 -14.30
C SER B 250 -23.91 5.65 -15.15
N LEU B 251 -24.44 4.52 -14.71
CA LEU B 251 -25.24 3.67 -15.57
C LEU B 251 -26.40 4.38 -16.27
N PRO B 252 -27.12 5.27 -15.57
CA PRO B 252 -28.31 5.86 -16.23
C PRO B 252 -27.90 6.79 -17.37
N LEU B 253 -26.73 7.42 -17.24
CA LEU B 253 -26.18 8.25 -18.31
C LEU B 253 -25.70 7.36 -19.45
N LEU B 254 -24.87 6.38 -19.12
CA LEU B 254 -24.40 5.46 -20.13
C LEU B 254 -25.57 4.95 -20.96
N LEU B 255 -26.66 4.53 -20.30
CA LEU B 255 -27.78 3.93 -21.04
C LEU B 255 -28.63 4.94 -21.86
N SER B 256 -28.39 6.23 -21.64
CA SER B 256 -29.09 7.32 -22.32
C SER B 256 -28.36 7.86 -23.56
N LEU B 257 -27.03 7.75 -23.58
CA LEU B 257 -26.23 8.37 -24.65
C LEU B 257 -26.72 8.08 -26.06
N SER B 258 -27.06 6.81 -26.32
CA SER B 258 -27.46 6.36 -27.66
C SER B 258 -28.74 7.00 -28.18
N HIS B 259 -29.56 7.54 -27.29
CA HIS B 259 -30.79 8.22 -27.69
C HIS B 259 -30.54 9.63 -28.24
N ALA B 260 -29.39 10.20 -27.93
CA ALA B 260 -29.06 11.54 -28.43
C ALA B 260 -27.57 11.80 -28.27
N PRO B 261 -26.74 11.03 -28.97
CA PRO B 261 -25.30 11.07 -28.76
C PRO B 261 -24.69 12.46 -28.93
N ARG B 262 -25.15 13.24 -29.91
CA ARG B 262 -24.54 14.55 -30.17
C ARG B 262 -24.92 15.58 -29.11
N ASP B 263 -26.17 15.51 -28.67
CA ASP B 263 -26.69 16.43 -27.66
C ASP B 263 -25.95 16.21 -26.33
N PHE B 264 -25.69 14.95 -25.96
CA PHE B 264 -24.85 14.65 -24.77
C PHE B 264 -23.39 15.14 -24.98
N HIS B 265 -22.78 14.71 -26.08
CA HIS B 265 -21.40 15.08 -26.38
C HIS B 265 -21.17 16.58 -26.20
N LYS B 266 -22.14 17.38 -26.64
CA LYS B 266 -22.00 18.83 -26.61
C LYS B 266 -21.74 19.33 -25.20
N LEU B 267 -22.31 18.65 -24.21
CA LEU B 267 -22.16 19.02 -22.82
C LEU B 267 -20.90 18.35 -22.21
N LEU B 268 -20.79 17.04 -22.41
CA LEU B 268 -19.77 16.23 -21.73
C LEU B 268 -18.36 16.62 -22.16
N LYS B 269 -18.24 17.17 -23.37
CA LYS B 269 -16.93 17.48 -23.93
C LYS B 269 -16.25 18.67 -23.25
N LYS B 270 -17.00 19.42 -22.45
CA LYS B 270 -16.45 20.53 -21.67
C LYS B 270 -15.63 20.04 -20.46
N LYS B 271 -15.64 18.72 -20.24
CA LYS B 271 -14.94 18.10 -19.11
C LYS B 271 -14.96 18.91 -17.84
N GLN B 272 -13.77 19.21 -17.29
CA GLN B 272 -13.70 19.96 -16.02
C GLN B 272 -14.35 21.34 -16.12
N ALA B 273 -14.46 21.86 -17.34
CA ALA B 273 -15.11 23.16 -17.55
C ALA B 273 -16.65 23.12 -17.49
N MET B 274 -17.25 21.92 -17.48
CA MET B 274 -18.70 21.78 -17.35
C MET B 274 -19.22 22.66 -16.20
N THR B 275 -20.36 23.30 -16.41
CA THR B 275 -21.00 24.18 -15.42
C THR B 275 -22.20 23.53 -14.77
N LEU B 276 -22.81 24.24 -13.83
CA LEU B 276 -23.99 23.71 -13.15
C LEU B 276 -25.14 23.61 -14.12
N GLU B 277 -25.21 24.55 -15.06
CA GLU B 277 -26.26 24.51 -16.07
C GLU B 277 -26.05 23.35 -17.07
N ASP B 278 -24.79 23.00 -17.37
CA ASP B 278 -24.48 21.83 -18.21
C ASP B 278 -24.87 20.52 -17.53
N ILE B 279 -24.70 20.45 -16.21
CA ILE B 279 -25.09 19.23 -15.51
C ILE B 279 -26.61 19.13 -15.38
N LYS B 280 -27.30 20.25 -15.12
CA LYS B 280 -28.77 20.22 -15.10
C LYS B 280 -29.32 19.71 -16.45
N HIS B 281 -28.67 20.14 -17.52
CA HIS B 281 -29.03 19.72 -18.88
C HIS B 281 -28.82 18.20 -19.09
N VAL B 282 -27.62 17.70 -18.79
CA VAL B 282 -27.38 16.26 -18.82
C VAL B 282 -28.47 15.52 -18.02
N GLN B 283 -28.73 15.96 -16.81
CA GLN B 283 -29.74 15.36 -15.94
C GLN B 283 -31.12 15.36 -16.62
N ALA B 284 -31.46 16.50 -17.19
CA ALA B 284 -32.72 16.63 -17.93
C ALA B 284 -32.86 15.60 -19.07
N LEU B 285 -31.77 15.36 -19.78
CA LEU B 285 -31.82 14.43 -20.91
C LEU B 285 -31.89 12.98 -20.43
N VAL B 286 -31.21 12.68 -19.32
CA VAL B 286 -31.31 11.33 -18.76
C VAL B 286 -32.75 11.01 -18.37
N ALA B 287 -33.45 11.98 -17.75
CA ALA B 287 -34.87 11.80 -17.47
C ALA B 287 -35.71 11.66 -18.78
N GLN B 288 -35.48 12.54 -19.75
CA GLN B 288 -36.22 12.43 -21.04
C GLN B 288 -36.09 11.05 -21.66
N TYR B 289 -34.86 10.53 -21.68
CA TYR B 289 -34.60 9.29 -22.38
C TYR B 289 -34.70 8.04 -21.49
N ASP B 290 -35.18 8.23 -20.27
CA ASP B 290 -35.43 7.11 -19.31
C ASP B 290 -34.19 6.26 -18.93
N GLY B 291 -33.04 6.90 -18.73
CA GLY B 291 -31.83 6.17 -18.36
C GLY B 291 -32.04 5.44 -17.03
N VAL B 292 -32.74 6.10 -16.10
CA VAL B 292 -33.05 5.53 -14.78
C VAL B 292 -33.87 4.26 -14.90
N GLY B 293 -34.95 4.30 -15.68
CA GLY B 293 -35.78 3.12 -15.96
C GLY B 293 -34.98 1.97 -16.57
N ALA B 294 -34.18 2.26 -17.57
CA ALA B 294 -33.31 1.26 -18.18
C ALA B 294 -32.35 0.69 -17.12
N ALA B 295 -31.78 1.57 -16.30
CA ALA B 295 -30.80 1.12 -15.31
C ALA B 295 -31.50 0.23 -14.28
N LYS B 296 -32.65 0.67 -13.76
CA LYS B 296 -33.43 -0.14 -12.82
C LYS B 296 -33.81 -1.54 -13.31
N GLN B 297 -34.16 -1.66 -14.58
CA GLN B 297 -34.51 -2.96 -15.13
C GLN B 297 -33.30 -3.88 -15.13
N LEU B 298 -32.14 -3.35 -15.46
CA LEU B 298 -30.94 -4.18 -15.44
C LEU B 298 -30.55 -4.53 -14.01
N ALA B 299 -30.65 -3.58 -13.10
CA ALA B 299 -30.33 -3.81 -11.70
C ALA B 299 -31.26 -4.88 -11.15
N GLN B 300 -32.49 -4.88 -11.63
CA GLN B 300 -33.50 -5.81 -11.13
C GLN B 300 -33.16 -7.25 -11.54
N ASP B 301 -32.57 -7.41 -12.72
CA ASP B 301 -32.14 -8.74 -13.17
C ASP B 301 -31.11 -9.31 -12.23
N TYR B 302 -30.17 -8.45 -11.79
CA TYR B 302 -29.07 -8.89 -10.92
C TYR B 302 -29.61 -9.19 -9.52
N THR B 303 -30.56 -8.39 -9.06
CA THR B 303 -31.15 -8.56 -7.76
C THR B 303 -31.94 -9.87 -7.72
N ASP B 304 -32.81 -10.06 -8.72
CA ASP B 304 -33.56 -11.31 -8.88
C ASP B 304 -32.65 -12.53 -8.86
N ARG B 305 -31.54 -12.43 -9.59
CA ARG B 305 -30.60 -13.54 -9.70
C ARG B 305 -30.00 -13.83 -8.31
N ALA B 306 -29.55 -12.78 -7.64
CA ALA B 306 -29.04 -12.92 -6.25
C ALA B 306 -30.04 -13.67 -5.34
N LEU B 307 -31.29 -13.20 -5.31
CA LEU B 307 -32.33 -13.86 -4.51
C LEU B 307 -32.59 -15.30 -4.90
N THR B 308 -32.58 -15.60 -6.19
CA THR B 308 -32.74 -16.98 -6.67
C THR B 308 -31.60 -17.91 -6.20
N LEU B 309 -30.38 -17.42 -6.29
CA LEU B 309 -29.27 -18.20 -5.80
C LEU B 309 -29.31 -18.38 -4.30
N ILE B 310 -29.73 -17.35 -3.57
CA ILE B 310 -29.81 -17.49 -2.12
C ILE B 310 -30.89 -18.53 -1.76
N GLN B 311 -31.96 -18.59 -2.56
CA GLN B 311 -33.03 -19.56 -2.35
C GLN B 311 -32.58 -21.00 -2.66
N GLN B 312 -31.43 -21.16 -3.31
CA GLN B 312 -30.84 -22.48 -3.52
C GLN B 312 -29.98 -23.00 -2.35
N LEU B 313 -29.64 -22.12 -1.41
CA LEU B 313 -28.85 -22.53 -0.25
C LEU B 313 -29.66 -23.47 0.64
N PRO B 314 -28.99 -24.22 1.54
CA PRO B 314 -29.80 -25.06 2.44
C PRO B 314 -30.77 -24.18 3.24
N VAL B 315 -31.99 -24.65 3.43
CA VAL B 315 -33.02 -23.86 4.11
C VAL B 315 -32.68 -23.67 5.59
N GLY B 316 -33.12 -22.58 6.17
CA GLY B 316 -32.78 -22.36 7.56
C GLY B 316 -32.46 -20.93 7.86
N SER B 317 -31.92 -20.72 9.06
CA SER B 317 -31.62 -19.40 9.56
C SER B 317 -30.62 -18.60 8.68
N ALA B 318 -29.60 -19.24 8.16
CA ALA B 318 -28.57 -18.48 7.44
C ALA B 318 -29.18 -18.03 6.11
N GLN B 319 -29.88 -18.96 5.46
CA GLN B 319 -30.56 -18.64 4.21
C GLN B 319 -31.57 -17.50 4.33
N GLN B 320 -32.44 -17.61 5.32
CA GLN B 320 -33.42 -16.55 5.59
C GLN B 320 -32.73 -15.22 5.88
N SER B 321 -31.65 -15.24 6.66
CA SER B 321 -31.05 -13.96 6.99
C SER B 321 -30.39 -13.37 5.72
N LEU B 322 -29.69 -14.20 4.96
CA LEU B 322 -29.04 -13.71 3.74
C LEU B 322 -30.07 -13.10 2.79
N GLU B 323 -31.26 -13.70 2.76
CA GLU B 323 -32.33 -13.19 1.91
C GLU B 323 -32.79 -11.81 2.41
N GLN B 324 -33.12 -11.75 3.70
CA GLN B 324 -33.57 -10.49 4.31
C GLN B 324 -32.52 -9.39 4.15
N LEU B 325 -31.25 -9.72 4.38
CA LEU B 325 -30.21 -8.71 4.25
C LEU B 325 -30.16 -8.19 2.80
N THR B 326 -30.25 -9.12 1.86
CA THR B 326 -30.14 -8.79 0.45
C THR B 326 -31.35 -7.94 -0.04
N ARG B 327 -32.54 -8.31 0.40
CA ARG B 327 -33.76 -7.54 0.10
C ARG B 327 -33.69 -6.14 0.69
N LEU B 328 -33.19 -6.05 1.92
CA LEU B 328 -32.98 -4.74 2.53
C LEU B 328 -31.99 -3.88 1.74
N LEU B 329 -30.88 -4.49 1.34
CA LEU B 329 -29.81 -3.73 0.71
C LEU B 329 -30.21 -3.32 -0.71
N LEU B 330 -30.91 -4.21 -1.41
CA LEU B 330 -31.20 -3.98 -2.81
C LEU B 330 -32.65 -3.49 -3.00
N ARG B 331 -33.27 -3.04 -1.92
CA ARG B 331 -34.57 -2.38 -1.96
C ARG B 331 -35.60 -3.24 -2.64
N ARG B 332 -35.55 -4.54 -2.38
CA ARG B 332 -36.57 -5.46 -2.90
C ARG B 332 -37.39 -6.07 -1.78
N ASP B 333 -37.82 -5.23 -0.84
CA ASP B 333 -38.60 -5.67 0.30
C ASP B 333 -40.02 -5.12 0.23
#